data_4Y2M
# 
_entry.id   4Y2M 
# 
_audit_conform.dict_name       mmcif_pdbx.dic 
_audit_conform.dict_version    5.397 
_audit_conform.dict_location   http://mmcif.pdb.org/dictionaries/ascii/mmcif_pdbx.dic 
# 
loop_
_database_2.database_id 
_database_2.database_code 
_database_2.pdbx_database_accession 
_database_2.pdbx_DOI 
PDB   4Y2M         pdb_00004y2m 10.2210/pdb4y2m/pdb 
WWPDB D_1000206765 ?            ?                   
# 
loop_
_pdbx_audit_revision_history.ordinal 
_pdbx_audit_revision_history.data_content_type 
_pdbx_audit_revision_history.major_revision 
_pdbx_audit_revision_history.minor_revision 
_pdbx_audit_revision_history.revision_date 
1 'Structure model' 1 0 2016-02-10 
2 'Structure model' 1 1 2024-10-16 
# 
_pdbx_audit_revision_details.ordinal             1 
_pdbx_audit_revision_details.revision_ordinal    1 
_pdbx_audit_revision_details.data_content_type   'Structure model' 
_pdbx_audit_revision_details.provider            repository 
_pdbx_audit_revision_details.type                'Initial release' 
_pdbx_audit_revision_details.description         ? 
_pdbx_audit_revision_details.details             ? 
# 
loop_
_pdbx_audit_revision_group.ordinal 
_pdbx_audit_revision_group.revision_ordinal 
_pdbx_audit_revision_group.data_content_type 
_pdbx_audit_revision_group.group 
1 2 'Structure model' 'Data collection'      
2 2 'Structure model' 'Database references'  
3 2 'Structure model' 'Derived calculations' 
4 2 'Structure model' 'Structure summary'    
# 
loop_
_pdbx_audit_revision_category.ordinal 
_pdbx_audit_revision_category.revision_ordinal 
_pdbx_audit_revision_category.data_content_type 
_pdbx_audit_revision_category.category 
1 2 'Structure model' chem_comp_atom            
2 2 'Structure model' chem_comp_bond            
3 2 'Structure model' database_2                
4 2 'Structure model' pdbx_entry_details        
5 2 'Structure model' pdbx_modification_feature 
6 2 'Structure model' pdbx_struct_oper_list     
# 
loop_
_pdbx_audit_revision_item.ordinal 
_pdbx_audit_revision_item.revision_ordinal 
_pdbx_audit_revision_item.data_content_type 
_pdbx_audit_revision_item.item 
1 2 'Structure model' '_database_2.pdbx_DOI'                      
2 2 'Structure model' '_database_2.pdbx_database_accession'       
3 2 'Structure model' '_pdbx_struct_oper_list.symmetry_operation' 
# 
_pdbx_database_status.status_code                     REL 
_pdbx_database_status.status_code_sf                  REL 
_pdbx_database_status.status_code_mr                  ? 
_pdbx_database_status.entry_id                        4Y2M 
_pdbx_database_status.recvd_initial_deposition_date   2015-02-10 
_pdbx_database_status.SG_entry                        N 
_pdbx_database_status.deposit_site                    RCSB 
_pdbx_database_status.process_site                    PDBJ 
_pdbx_database_status.status_code_cs                  ? 
_pdbx_database_status.methods_development_category    ? 
_pdbx_database_status.pdb_format_compatible           Y 
_pdbx_database_status.status_code_nmr_data            ? 
# 
loop_
_pdbx_database_related.db_name 
_pdbx_database_related.details 
_pdbx_database_related.db_id 
_pdbx_database_related.content_type 
PDB 'Oxidized form of apo-GolB' 4Y2I unspecified 
PDB .                           4Y2K unspecified 
# 
loop_
_audit_author.name 
_audit_author.pdbx_ordinal 
'Wei, W.'  1 
'Zhao, J.' 2 
'Wang, F.' 3 
# 
_citation.abstract                  ? 
_citation.abstract_id_CAS           ? 
_citation.book_id_ISBN              ? 
_citation.book_publisher            ? 
_citation.book_publisher_city       ? 
_citation.book_title                ? 
_citation.coordinate_linkage        ? 
_citation.country                   US 
_citation.database_id_Medline       ? 
_citation.details                   ? 
_citation.id                        primary 
_citation.journal_abbrev            J.Am.Chem.Soc. 
_citation.journal_id_ASTM           JACSAT 
_citation.journal_id_CSD            ? 
_citation.journal_id_ISSN           1520-5126 
_citation.journal_full              ? 
_citation.journal_issue             ? 
_citation.journal_volume            137 
_citation.language                  ? 
_citation.page_first                15358 
_citation.page_last                 15361 
_citation.title                     
'Structural Insights and the Surprisingly Low Mechanical Stability of the Au-S Bond in the Gold-Specific Protein GolB' 
_citation.year                      2015 
_citation.database_id_CSD           ? 
_citation.pdbx_database_id_DOI      10.1021/jacs.5b09895 
_citation.pdbx_database_id_PubMed   26636614 
_citation.unpublished_flag          ? 
# 
loop_
_citation_author.citation_id 
_citation_author.name 
_citation_author.ordinal 
_citation_author.identifier_ORCID 
primary 'Wei, W.'  1  ? 
primary 'Sun, Y.'  2  ? 
primary 'Zhu, M.'  3  ? 
primary 'Liu, X.'  4  ? 
primary 'Sun, P.'  5  ? 
primary 'Wang, F.' 6  ? 
primary 'Gui, Q.'  7  ? 
primary 'Meng, W.' 8  ? 
primary 'Cao, Y.'  9  ? 
primary 'Zhao, J.' 10 ? 
# 
loop_
_entity.id 
_entity.type 
_entity.src_method 
_entity.pdbx_description 
_entity.formula_weight 
_entity.pdbx_number_of_molecules 
_entity.pdbx_ec 
_entity.pdbx_mutation 
_entity.pdbx_fragment 
_entity.details 
1 polymer     man 'Putative metal-binding transport protein' 6927.869 1  ? ? ? ? 
2 non-polymer syn 'GOLD ION'                                 196.967  1  ? ? ? ? 
3 water       nat water                                      18.015   63 ? ? ? ? 
# 
_entity_name_com.entity_id   1 
_entity_name_com.name        GOLB 
# 
_entity_poly.entity_id                      1 
_entity_poly.type                           'polypeptide(L)' 
_entity_poly.nstd_linkage                   no 
_entity_poly.nstd_monomer                   no 
_entity_poly.pdbx_seq_one_letter_code       GMQFHIDDMTCGGCASTVKKTILTLDANATVRTDPATRLVDVETSLSAEQIAAALQKAGFPPRER 
_entity_poly.pdbx_seq_one_letter_code_can   GMQFHIDDMTCGGCASTVKKTILTLDANATVRTDPATRLVDVETSLSAEQIAAALQKAGFPPRER 
_entity_poly.pdbx_strand_id                 A 
_entity_poly.pdbx_target_identifier         ? 
# 
loop_
_pdbx_entity_nonpoly.entity_id 
_pdbx_entity_nonpoly.name 
_pdbx_entity_nonpoly.comp_id 
2 'GOLD ION' AU  
3 water      HOH 
# 
loop_
_entity_poly_seq.entity_id 
_entity_poly_seq.num 
_entity_poly_seq.mon_id 
_entity_poly_seq.hetero 
1 1  GLY n 
1 2  MET n 
1 3  GLN n 
1 4  PHE n 
1 5  HIS n 
1 6  ILE n 
1 7  ASP n 
1 8  ASP n 
1 9  MET n 
1 10 THR n 
1 11 CYS n 
1 12 GLY n 
1 13 GLY n 
1 14 CYS n 
1 15 ALA n 
1 16 SER n 
1 17 THR n 
1 18 VAL n 
1 19 LYS n 
1 20 LYS n 
1 21 THR n 
1 22 ILE n 
1 23 LEU n 
1 24 THR n 
1 25 LEU n 
1 26 ASP n 
1 27 ALA n 
1 28 ASN n 
1 29 ALA n 
1 30 THR n 
1 31 VAL n 
1 32 ARG n 
1 33 THR n 
1 34 ASP n 
1 35 PRO n 
1 36 ALA n 
1 37 THR n 
1 38 ARG n 
1 39 LEU n 
1 40 VAL n 
1 41 ASP n 
1 42 VAL n 
1 43 GLU n 
1 44 THR n 
1 45 SER n 
1 46 LEU n 
1 47 SER n 
1 48 ALA n 
1 49 GLU n 
1 50 GLN n 
1 51 ILE n 
1 52 ALA n 
1 53 ALA n 
1 54 ALA n 
1 55 LEU n 
1 56 GLN n 
1 57 LYS n 
1 58 ALA n 
1 59 GLY n 
1 60 PHE n 
1 61 PRO n 
1 62 PRO n 
1 63 ARG n 
1 64 GLU n 
1 65 ARG n 
# 
_entity_src_gen.entity_id                          1 
_entity_src_gen.pdbx_src_id                        1 
_entity_src_gen.pdbx_alt_source_flag               sample 
_entity_src_gen.pdbx_seq_type                      'Biological sequence' 
_entity_src_gen.pdbx_beg_seq_num                   1 
_entity_src_gen.pdbx_end_seq_num                   65 
_entity_src_gen.gene_src_common_name               ? 
_entity_src_gen.gene_src_genus                     ? 
_entity_src_gen.pdbx_gene_src_gene                 STMDT2_03511 
_entity_src_gen.gene_src_species                   ? 
_entity_src_gen.gene_src_strain                    DT2 
_entity_src_gen.gene_src_tissue                    ? 
_entity_src_gen.gene_src_tissue_fraction           ? 
_entity_src_gen.gene_src_details                   ? 
_entity_src_gen.pdbx_gene_src_fragment             ? 
_entity_src_gen.pdbx_gene_src_scientific_name      'Salmonella enterica subsp. enterica serovar Typhimurium' 
_entity_src_gen.pdbx_gene_src_ncbi_taxonomy_id     90371 
_entity_src_gen.pdbx_gene_src_variant              ? 
_entity_src_gen.pdbx_gene_src_cell_line            ? 
_entity_src_gen.pdbx_gene_src_atcc                 ? 
_entity_src_gen.pdbx_gene_src_organ                ? 
_entity_src_gen.pdbx_gene_src_organelle            ? 
_entity_src_gen.pdbx_gene_src_cell                 ? 
_entity_src_gen.pdbx_gene_src_cellular_location    ? 
_entity_src_gen.host_org_common_name               ? 
_entity_src_gen.pdbx_host_org_scientific_name      'Escherichia coli' 
_entity_src_gen.pdbx_host_org_ncbi_taxonomy_id     562 
_entity_src_gen.host_org_genus                     ? 
_entity_src_gen.pdbx_host_org_gene                 ? 
_entity_src_gen.pdbx_host_org_organ                ? 
_entity_src_gen.host_org_species                   ? 
_entity_src_gen.pdbx_host_org_tissue               ? 
_entity_src_gen.pdbx_host_org_tissue_fraction      ? 
_entity_src_gen.pdbx_host_org_strain               ? 
_entity_src_gen.pdbx_host_org_variant              ? 
_entity_src_gen.pdbx_host_org_cell_line            ? 
_entity_src_gen.pdbx_host_org_atcc                 ? 
_entity_src_gen.pdbx_host_org_culture_collection   ? 
_entity_src_gen.pdbx_host_org_cell                 ? 
_entity_src_gen.pdbx_host_org_organelle            ? 
_entity_src_gen.pdbx_host_org_cellular_location    ? 
_entity_src_gen.pdbx_host_org_vector_type          ? 
_entity_src_gen.pdbx_host_org_vector               ? 
_entity_src_gen.host_org_details                   ? 
_entity_src_gen.expression_system_id               ? 
_entity_src_gen.plasmid_name                       ? 
_entity_src_gen.plasmid_details                    ? 
_entity_src_gen.pdbx_description                   ? 
# 
loop_
_chem_comp.id 
_chem_comp.type 
_chem_comp.mon_nstd_flag 
_chem_comp.name 
_chem_comp.pdbx_synonyms 
_chem_comp.formula 
_chem_comp.formula_weight 
ALA 'L-peptide linking' y ALANINE         ? 'C3 H7 N O2'     89.093  
ARG 'L-peptide linking' y ARGININE        ? 'C6 H15 N4 O2 1' 175.209 
ASN 'L-peptide linking' y ASPARAGINE      ? 'C4 H8 N2 O3'    132.118 
ASP 'L-peptide linking' y 'ASPARTIC ACID' ? 'C4 H7 N O4'     133.103 
AU  non-polymer         . 'GOLD ION'      ? 'Au 1'           196.967 
CYS 'L-peptide linking' y CYSTEINE        ? 'C3 H7 N O2 S'   121.158 
GLN 'L-peptide linking' y GLUTAMINE       ? 'C5 H10 N2 O3'   146.144 
GLU 'L-peptide linking' y 'GLUTAMIC ACID' ? 'C5 H9 N O4'     147.129 
GLY 'peptide linking'   y GLYCINE         ? 'C2 H5 N O2'     75.067  
HIS 'L-peptide linking' y HISTIDINE       ? 'C6 H10 N3 O2 1' 156.162 
HOH non-polymer         . WATER           ? 'H2 O'           18.015  
ILE 'L-peptide linking' y ISOLEUCINE      ? 'C6 H13 N O2'    131.173 
LEU 'L-peptide linking' y LEUCINE         ? 'C6 H13 N O2'    131.173 
LYS 'L-peptide linking' y LYSINE          ? 'C6 H15 N2 O2 1' 147.195 
MET 'L-peptide linking' y METHIONINE      ? 'C5 H11 N O2 S'  149.211 
PHE 'L-peptide linking' y PHENYLALANINE   ? 'C9 H11 N O2'    165.189 
PRO 'L-peptide linking' y PROLINE         ? 'C5 H9 N O2'     115.130 
SER 'L-peptide linking' y SERINE          ? 'C3 H7 N O3'     105.093 
THR 'L-peptide linking' y THREONINE       ? 'C4 H9 N O3'     119.119 
VAL 'L-peptide linking' y VALINE          ? 'C5 H11 N O2'    117.146 
# 
loop_
_pdbx_poly_seq_scheme.asym_id 
_pdbx_poly_seq_scheme.entity_id 
_pdbx_poly_seq_scheme.seq_id 
_pdbx_poly_seq_scheme.mon_id 
_pdbx_poly_seq_scheme.ndb_seq_num 
_pdbx_poly_seq_scheme.pdb_seq_num 
_pdbx_poly_seq_scheme.auth_seq_num 
_pdbx_poly_seq_scheme.pdb_mon_id 
_pdbx_poly_seq_scheme.auth_mon_id 
_pdbx_poly_seq_scheme.pdb_strand_id 
_pdbx_poly_seq_scheme.pdb_ins_code 
_pdbx_poly_seq_scheme.hetero 
A 1 1  GLY 1  0  0  GLY GLY A . n 
A 1 2  MET 2  1  1  MET MET A . n 
A 1 3  GLN 3  2  2  GLN GLN A . n 
A 1 4  PHE 4  3  3  PHE PHE A . n 
A 1 5  HIS 5  4  4  HIS HIS A . n 
A 1 6  ILE 6  5  5  ILE ILE A . n 
A 1 7  ASP 7  6  6  ASP ASP A . n 
A 1 8  ASP 8  7  7  ASP ASP A . n 
A 1 9  MET 9  8  8  MET MET A . n 
A 1 10 THR 10 9  9  THR THR A . n 
A 1 11 CYS 11 10 10 CYS CYS A . n 
A 1 12 GLY 12 11 11 GLY GLY A . n 
A 1 13 GLY 13 12 12 GLY GLY A . n 
A 1 14 CYS 14 13 13 CYS CYS A . n 
A 1 15 ALA 15 14 14 ALA ALA A . n 
A 1 16 SER 16 15 15 SER SER A . n 
A 1 17 THR 17 16 16 THR THR A . n 
A 1 18 VAL 18 17 17 VAL VAL A . n 
A 1 19 LYS 19 18 18 LYS LYS A . n 
A 1 20 LYS 20 19 19 LYS LYS A . n 
A 1 21 THR 21 20 20 THR THR A . n 
A 1 22 ILE 22 21 21 ILE ILE A . n 
A 1 23 LEU 23 22 22 LEU LEU A . n 
A 1 24 THR 24 23 23 THR THR A . n 
A 1 25 LEU 25 24 24 LEU LEU A . n 
A 1 26 ASP 26 25 25 ASP ASP A . n 
A 1 27 ALA 27 26 26 ALA ALA A . n 
A 1 28 ASN 28 27 27 ASN ASN A . n 
A 1 29 ALA 29 28 28 ALA ALA A . n 
A 1 30 THR 30 29 29 THR THR A . n 
A 1 31 VAL 31 30 30 VAL VAL A . n 
A 1 32 ARG 32 31 31 ARG ARG A . n 
A 1 33 THR 33 32 32 THR THR A . n 
A 1 34 ASP 34 33 33 ASP ASP A . n 
A 1 35 PRO 35 34 34 PRO PRO A . n 
A 1 36 ALA 36 35 35 ALA ALA A . n 
A 1 37 THR 37 36 36 THR THR A . n 
A 1 38 ARG 38 37 37 ARG ARG A . n 
A 1 39 LEU 39 38 38 LEU LEU A . n 
A 1 40 VAL 40 39 39 VAL VAL A . n 
A 1 41 ASP 41 40 40 ASP ASP A . n 
A 1 42 VAL 42 41 41 VAL VAL A . n 
A 1 43 GLU 43 42 42 GLU GLU A . n 
A 1 44 THR 44 43 43 THR THR A . n 
A 1 45 SER 45 44 44 SER SER A . n 
A 1 46 LEU 46 45 45 LEU LEU A . n 
A 1 47 SER 47 46 46 SER SER A . n 
A 1 48 ALA 48 47 47 ALA ALA A . n 
A 1 49 GLU 49 48 48 GLU GLU A . n 
A 1 50 GLN 50 49 49 GLN GLN A . n 
A 1 51 ILE 51 50 50 ILE ILE A . n 
A 1 52 ALA 52 51 51 ALA ALA A . n 
A 1 53 ALA 53 52 52 ALA ALA A . n 
A 1 54 ALA 54 53 53 ALA ALA A . n 
A 1 55 LEU 55 54 54 LEU LEU A . n 
A 1 56 GLN 56 55 55 GLN GLN A . n 
A 1 57 LYS 57 56 56 LYS LYS A . n 
A 1 58 ALA 58 57 57 ALA ALA A . n 
A 1 59 GLY 59 58 58 GLY GLY A . n 
A 1 60 PHE 60 59 59 PHE PHE A . n 
A 1 61 PRO 61 60 60 PRO PRO A . n 
A 1 62 PRO 62 61 61 PRO PRO A . n 
A 1 63 ARG 63 62 62 ARG ARG A . n 
A 1 64 GLU 64 63 63 GLU GLU A . n 
A 1 65 ARG 65 64 64 ARG ARG A . n 
# 
loop_
_pdbx_nonpoly_scheme.asym_id 
_pdbx_nonpoly_scheme.entity_id 
_pdbx_nonpoly_scheme.mon_id 
_pdbx_nonpoly_scheme.ndb_seq_num 
_pdbx_nonpoly_scheme.pdb_seq_num 
_pdbx_nonpoly_scheme.auth_seq_num 
_pdbx_nonpoly_scheme.pdb_mon_id 
_pdbx_nonpoly_scheme.auth_mon_id 
_pdbx_nonpoly_scheme.pdb_strand_id 
_pdbx_nonpoly_scheme.pdb_ins_code 
B 2 AU  1  101 1  AU  AU  A . 
C 3 HOH 1  201 1  HOH HOH A . 
C 3 HOH 2  202 28 HOH HOH A . 
C 3 HOH 3  203 4  HOH HOH A . 
C 3 HOH 4  204 43 HOH HOH A . 
C 3 HOH 5  205 16 HOH HOH A . 
C 3 HOH 6  206 14 HOH HOH A . 
C 3 HOH 7  207 15 HOH HOH A . 
C 3 HOH 8  208 62 HOH HOH A . 
C 3 HOH 9  209 17 HOH HOH A . 
C 3 HOH 10 210 49 HOH HOH A . 
C 3 HOH 11 211 41 HOH HOH A . 
C 3 HOH 12 212 3  HOH HOH A . 
C 3 HOH 13 213 25 HOH HOH A . 
C 3 HOH 14 214 46 HOH HOH A . 
C 3 HOH 15 215 2  HOH HOH A . 
C 3 HOH 16 216 45 HOH HOH A . 
C 3 HOH 17 217 30 HOH HOH A . 
C 3 HOH 18 218 37 HOH HOH A . 
C 3 HOH 19 219 27 HOH HOH A . 
C 3 HOH 20 220 32 HOH HOH A . 
C 3 HOH 21 221 9  HOH HOH A . 
C 3 HOH 22 222 12 HOH HOH A . 
C 3 HOH 23 223 38 HOH HOH A . 
C 3 HOH 24 224 23 HOH HOH A . 
C 3 HOH 25 225 47 HOH HOH A . 
C 3 HOH 26 226 36 HOH HOH A . 
C 3 HOH 27 227 44 HOH HOH A . 
C 3 HOH 28 228 51 HOH HOH A . 
C 3 HOH 29 229 34 HOH HOH A . 
C 3 HOH 30 230 53 HOH HOH A . 
C 3 HOH 31 231 57 HOH HOH A . 
C 3 HOH 32 232 31 HOH HOH A . 
C 3 HOH 33 233 58 HOH HOH A . 
C 3 HOH 34 234 33 HOH HOH A . 
C 3 HOH 35 235 48 HOH HOH A . 
C 3 HOH 36 236 5  HOH HOH A . 
C 3 HOH 37 237 6  HOH HOH A . 
C 3 HOH 38 238 7  HOH HOH A . 
C 3 HOH 39 239 8  HOH HOH A . 
C 3 HOH 40 240 10 HOH HOH A . 
C 3 HOH 41 241 11 HOH HOH A . 
C 3 HOH 42 242 13 HOH HOH A . 
C 3 HOH 43 243 18 HOH HOH A . 
C 3 HOH 44 244 19 HOH HOH A . 
C 3 HOH 45 245 20 HOH HOH A . 
C 3 HOH 46 246 21 HOH HOH A . 
C 3 HOH 47 247 22 HOH HOH A . 
C 3 HOH 48 248 24 HOH HOH A . 
C 3 HOH 49 249 26 HOH HOH A . 
C 3 HOH 50 250 29 HOH HOH A . 
C 3 HOH 51 251 35 HOH HOH A . 
C 3 HOH 52 252 39 HOH HOH A . 
C 3 HOH 53 253 40 HOH HOH A . 
C 3 HOH 54 254 42 HOH HOH A . 
C 3 HOH 55 255 50 HOH HOH A . 
C 3 HOH 56 256 52 HOH HOH A . 
C 3 HOH 57 257 54 HOH HOH A . 
C 3 HOH 58 258 55 HOH HOH A . 
C 3 HOH 59 259 56 HOH HOH A . 
C 3 HOH 60 260 59 HOH HOH A . 
C 3 HOH 61 261 60 HOH HOH A . 
C 3 HOH 62 262 61 HOH HOH A . 
C 3 HOH 63 263 63 HOH HOH A . 
# 
loop_
_software.citation_id 
_software.classification 
_software.compiler_name 
_software.compiler_version 
_software.contact_author 
_software.contact_author_email 
_software.date 
_software.description 
_software.dependencies 
_software.hardware 
_software.language 
_software.location 
_software.mods 
_software.name 
_software.os 
_software.os_version 
_software.type 
_software.version 
_software.pdbx_ordinal 
? refinement       ? ? ? ? ? ? ? ? ? ? ? REFMAC   ? ? ? 5.8.0049 1 
? 'data reduction' ? ? ? ? ? ? ? ? ? ? ? HKL-3000 ? ? ? .        2 
? 'data scaling'   ? ? ? ? ? ? ? ? ? ? ? HKL-3000 ? ? ? .        3 
? phasing          ? ? ? ? ? ? ? ? ? ? ? PHASER   ? ? ? .        4 
# 
_cell.entry_id           4Y2M 
_cell.length_a           36.993 
_cell.length_b           36.993 
_cell.length_c           169.761 
_cell.angle_alpha        90.00 
_cell.angle_beta         90.00 
_cell.angle_gamma        120.00 
_cell.Z_PDB              12 
_cell.pdbx_unique_axis   ? 
# 
_symmetry.entry_id                         4Y2M 
_symmetry.space_group_name_H-M             'P 65 2 2' 
_symmetry.pdbx_full_space_group_name_H-M   ? 
_symmetry.cell_setting                     ? 
_symmetry.Int_Tables_number                179 
# 
_exptl.absorpt_coefficient_mu     ? 
_exptl.absorpt_correction_T_max   ? 
_exptl.absorpt_correction_T_min   ? 
_exptl.absorpt_correction_type    ? 
_exptl.absorpt_process_details    ? 
_exptl.entry_id                   4Y2M 
_exptl.crystals_number            ? 
_exptl.details                    ? 
_exptl.method                     'X-RAY DIFFRACTION' 
_exptl.method_details             ? 
# 
_exptl_crystal.colour                      ? 
_exptl_crystal.density_diffrn              ? 
_exptl_crystal.density_Matthews            2.42 
_exptl_crystal.density_method              ? 
_exptl_crystal.density_percent_sol         49.17 
_exptl_crystal.description                 ? 
_exptl_crystal.F_000                       ? 
_exptl_crystal.id                          1 
_exptl_crystal.preparation                 ? 
_exptl_crystal.size_max                    ? 
_exptl_crystal.size_mid                    ? 
_exptl_crystal.size_min                    ? 
_exptl_crystal.size_rad                    ? 
_exptl_crystal.colour_lustre               ? 
_exptl_crystal.colour_modifier             ? 
_exptl_crystal.colour_primary              ? 
_exptl_crystal.density_meas                ? 
_exptl_crystal.density_meas_esd            ? 
_exptl_crystal.density_meas_gt             ? 
_exptl_crystal.density_meas_lt             ? 
_exptl_crystal.density_meas_temp           ? 
_exptl_crystal.density_meas_temp_esd       ? 
_exptl_crystal.density_meas_temp_gt        ? 
_exptl_crystal.density_meas_temp_lt        ? 
_exptl_crystal.pdbx_crystal_image_url      ? 
_exptl_crystal.pdbx_crystal_image_format   ? 
_exptl_crystal.pdbx_mosaicity              ? 
_exptl_crystal.pdbx_mosaicity_esd          ? 
# 
_exptl_crystal_grow.apparatus       ? 
_exptl_crystal_grow.atmosphere      ? 
_exptl_crystal_grow.crystal_id      1 
_exptl_crystal_grow.details         ? 
_exptl_crystal_grow.method          'VAPOR DIFFUSION, SITTING DROP' 
_exptl_crystal_grow.method_ref      ? 
_exptl_crystal_grow.pH              7.0 
_exptl_crystal_grow.pressure        ? 
_exptl_crystal_grow.pressure_esd    ? 
_exptl_crystal_grow.seeding         ? 
_exptl_crystal_grow.seeding_ref     ? 
_exptl_crystal_grow.temp            293 
_exptl_crystal_grow.temp_details    ? 
_exptl_crystal_grow.temp_esd        ? 
_exptl_crystal_grow.time            ? 
_exptl_crystal_grow.pdbx_details    '2.0 M Ammonium citrate tribasic, 0.1 M BIS-TRIS propane' 
_exptl_crystal_grow.pdbx_pH_range   ? 
# 
_diffrn.ambient_environment    ? 
_diffrn.ambient_temp           100 
_diffrn.ambient_temp_details   ? 
_diffrn.ambient_temp_esd       ? 
_diffrn.crystal_id             1 
_diffrn.crystal_support        ? 
_diffrn.crystal_treatment      ? 
_diffrn.details                ? 
_diffrn.id                     1 
_diffrn.ambient_pressure       ? 
_diffrn.ambient_pressure_esd   ? 
_diffrn.ambient_pressure_gt    ? 
_diffrn.ambient_pressure_lt    ? 
_diffrn.ambient_temp_gt        ? 
_diffrn.ambient_temp_lt        ? 
# 
_diffrn_detector.details                      ? 
_diffrn_detector.detector                     'IMAGE PLATE' 
_diffrn_detector.diffrn_id                    1 
_diffrn_detector.type                         'RIGAKU RAXIS IV' 
_diffrn_detector.area_resol_mean              ? 
_diffrn_detector.dtime                        ? 
_diffrn_detector.pdbx_frames_total            ? 
_diffrn_detector.pdbx_collection_time_total   ? 
_diffrn_detector.pdbx_collection_date         2014-02-09 
# 
_diffrn_radiation.collimation                      ? 
_diffrn_radiation.diffrn_id                        1 
_diffrn_radiation.filter_edge                      ? 
_diffrn_radiation.inhomogeneity                    ? 
_diffrn_radiation.monochromator                    ? 
_diffrn_radiation.polarisn_norm                    ? 
_diffrn_radiation.polarisn_ratio                   ? 
_diffrn_radiation.probe                            ? 
_diffrn_radiation.type                             ? 
_diffrn_radiation.xray_symbol                      ? 
_diffrn_radiation.wavelength_id                    1 
_diffrn_radiation.pdbx_monochromatic_or_laue_m_l   M 
_diffrn_radiation.pdbx_wavelength_list             ? 
_diffrn_radiation.pdbx_wavelength                  ? 
_diffrn_radiation.pdbx_diffrn_protocol             'SINGLE WAVELENGTH' 
_diffrn_radiation.pdbx_analyzer                    ? 
_diffrn_radiation.pdbx_scattering_type             x-ray 
# 
_diffrn_radiation_wavelength.id           1 
_diffrn_radiation_wavelength.wavelength   1.5418 
_diffrn_radiation_wavelength.wt           1.0 
# 
_diffrn_source.current                     ? 
_diffrn_source.details                     ? 
_diffrn_source.diffrn_id                   1 
_diffrn_source.power                       ? 
_diffrn_source.size                        ? 
_diffrn_source.source                      'ROTATING ANODE' 
_diffrn_source.target                      ? 
_diffrn_source.type                        'RIGAKU FR-E+ SUPERBRIGHT' 
_diffrn_source.voltage                     ? 
_diffrn_source.take-off_angle              ? 
_diffrn_source.pdbx_wavelength_list        1.5418 
_diffrn_source.pdbx_wavelength             ? 
_diffrn_source.pdbx_synchrotron_beamline   ? 
_diffrn_source.pdbx_synchrotron_site       ? 
# 
_reflns.B_iso_Wilson_estimate            ? 
_reflns.entry_id                         4Y2M 
_reflns.data_reduction_details           ? 
_reflns.data_reduction_method            ? 
_reflns.d_resolution_high                1.4 
_reflns.d_resolution_low                 50.0 
_reflns.details                          ? 
_reflns.limit_h_max                      ? 
_reflns.limit_h_min                      ? 
_reflns.limit_k_max                      ? 
_reflns.limit_k_min                      ? 
_reflns.limit_l_max                      ? 
_reflns.limit_l_min                      ? 
_reflns.number_all                       ? 
_reflns.number_obs                       22949 
_reflns.observed_criterion               ? 
_reflns.observed_criterion_F_max         ? 
_reflns.observed_criterion_F_min         ? 
_reflns.observed_criterion_I_max         ? 
_reflns.observed_criterion_I_min         ? 
_reflns.observed_criterion_sigma_F       ? 
_reflns.observed_criterion_sigma_I       ? 
_reflns.percent_possible_obs             99.1 
_reflns.R_free_details                   ? 
_reflns.Rmerge_F_all                     ? 
_reflns.Rmerge_F_obs                     ? 
_reflns.Friedel_coverage                 ? 
_reflns.number_gt                        ? 
_reflns.threshold_expression             ? 
_reflns.pdbx_redundancy                  9.64 
_reflns.pdbx_Rmerge_I_obs                0.05 
_reflns.pdbx_Rmerge_I_all                ? 
_reflns.pdbx_Rsym_value                  ? 
_reflns.pdbx_netI_over_av_sigmaI         ? 
_reflns.pdbx_netI_over_sigmaI            20.25 
_reflns.pdbx_res_netI_over_av_sigmaI_2   ? 
_reflns.pdbx_res_netI_over_sigmaI_2      ? 
_reflns.pdbx_chi_squared                 ? 
_reflns.pdbx_scaling_rejects             ? 
_reflns.pdbx_d_res_high_opt              ? 
_reflns.pdbx_d_res_low_opt               ? 
_reflns.pdbx_d_res_opt_method            ? 
_reflns.phase_calculation_details        ? 
_reflns.pdbx_Rrim_I_all                  ? 
_reflns.pdbx_Rpim_I_all                  ? 
_reflns.pdbx_d_opt                       ? 
_reflns.pdbx_number_measured_all         ? 
_reflns.pdbx_diffrn_id                   1 
_reflns.pdbx_ordinal                     1 
_reflns.pdbx_CC_half                     ? 
_reflns.pdbx_R_split                     ? 
# 
_refine.pdbx_refine_id                           'X-RAY DIFFRACTION' 
_refine.entry_id                                 4Y2M 
_refine.pdbx_diffrn_id                           1 
_refine.pdbx_TLS_residual_ADP_flag               ? 
_refine.ls_number_reflns_obs                     12504 
_refine.ls_number_reflns_all                     ? 
_refine.pdbx_ls_sigma_I                          ? 
_refine.pdbx_ls_sigma_F                          ? 
_refine.pdbx_data_cutoff_high_absF               ? 
_refine.pdbx_data_cutoff_low_absF                ? 
_refine.pdbx_data_cutoff_high_rms_absF           ? 
_refine.ls_d_res_low                             31.48 
_refine.ls_d_res_high                            1.40 
_refine.ls_percent_reflns_obs                    95.48 
_refine.ls_R_factor_obs                          0.17785 
_refine.ls_R_factor_all                          ? 
_refine.ls_R_factor_R_work                       0.17560 
_refine.ls_R_factor_R_free                       0.19798 
_refine.ls_R_factor_R_free_error                 ? 
_refine.ls_R_factor_R_free_error_details         ? 
_refine.ls_percent_reflns_R_free                 10.0 
_refine.ls_number_reflns_R_free                  1390 
_refine.ls_number_parameters                     ? 
_refine.ls_number_restraints                     ? 
_refine.occupancy_min                            ? 
_refine.occupancy_max                            ? 
_refine.correlation_coeff_Fo_to_Fc               0.970 
_refine.correlation_coeff_Fo_to_Fc_free          0.966 
_refine.B_iso_mean                               23.106 
_refine.aniso_B[1][1]                            0.28 
_refine.aniso_B[2][2]                            0.28 
_refine.aniso_B[3][3]                            -0.57 
_refine.aniso_B[1][2]                            0.00 
_refine.aniso_B[1][3]                            0.00 
_refine.aniso_B[2][3]                            0.00 
_refine.solvent_model_details                    MASK 
_refine.solvent_model_param_ksol                 ? 
_refine.solvent_model_param_bsol                 ? 
_refine.pdbx_solvent_vdw_probe_radii             1.20 
_refine.pdbx_solvent_ion_probe_radii             0.80 
_refine.pdbx_solvent_shrinkage_radii             0.80 
_refine.pdbx_ls_cross_valid_method               THROUGHOUT 
_refine.details                                  'HYDROGENS HAVE BEEN ADDED IN THE RIDING POSITIONS' 
_refine.pdbx_starting_model                      ? 
_refine.pdbx_method_to_determine_struct          ? 
_refine.pdbx_isotropic_thermal_model             ? 
_refine.pdbx_stereochemistry_target_values       'MAXIMUM LIKELIHOOD' 
_refine.pdbx_stereochem_target_val_spec_case     ? 
_refine.pdbx_R_Free_selection_details            RANDOM 
_refine.pdbx_overall_ESU_R                       0.012 
_refine.pdbx_overall_ESU_R_Free                  0.013 
_refine.overall_SU_ML                            0.029 
_refine.pdbx_overall_phase_error                 ? 
_refine.overall_SU_B                             0.683 
_refine.overall_SU_R_Cruickshank_DPI             ? 
_refine.pdbx_overall_SU_R_free_Cruickshank_DPI   ? 
_refine.pdbx_overall_SU_R_Blow_DPI               ? 
_refine.pdbx_overall_SU_R_free_Blow_DPI          ? 
# 
_refine_hist.pdbx_refine_id                   'X-RAY DIFFRACTION' 
_refine_hist.cycle_id                         LAST 
_refine_hist.pdbx_number_atoms_protein        481 
_refine_hist.pdbx_number_atoms_nucleic_acid   0 
_refine_hist.pdbx_number_atoms_ligand         1 
_refine_hist.number_atoms_solvent             63 
_refine_hist.number_atoms_total               545 
_refine_hist.d_res_high                       1.40 
_refine_hist.d_res_low                        31.48 
# 
loop_
_refine_ls_restr.type 
_refine_ls_restr.dev_ideal 
_refine_ls_restr.dev_ideal_target 
_refine_ls_restr.weight 
_refine_ls_restr.number 
_refine_ls_restr.pdbx_refine_id 
_refine_ls_restr.pdbx_restraint_function 
r_bond_refined_d             0.044  0.019  ? 494  'X-RAY DIFFRACTION' ? 
r_bond_other_d               0.003  0.020  ? 487  'X-RAY DIFFRACTION' ? 
r_angle_refined_deg          2.038  1.973  ? 670  'X-RAY DIFFRACTION' ? 
r_angle_other_deg            0.819  3.000  ? 1124 'X-RAY DIFFRACTION' ? 
r_dihedral_angle_1_deg       5.541  5.000  ? 66   'X-RAY DIFFRACTION' ? 
r_dihedral_angle_2_deg       37.093 24.211 ? 19   'X-RAY DIFFRACTION' ? 
r_dihedral_angle_3_deg       13.545 15.000 ? 88   'X-RAY DIFFRACTION' ? 
r_dihedral_angle_4_deg       12.408 15.000 ? 4    'X-RAY DIFFRACTION' ? 
r_chiral_restr               0.143  0.200  ? 82   'X-RAY DIFFRACTION' ? 
r_gen_planes_refined         0.013  0.021  ? 554  'X-RAY DIFFRACTION' ? 
r_gen_planes_other           0.001  0.020  ? 100  'X-RAY DIFFRACTION' ? 
r_nbd_refined                ?      ?      ? ?    'X-RAY DIFFRACTION' ? 
r_nbd_other                  ?      ?      ? ?    'X-RAY DIFFRACTION' ? 
r_nbtor_refined              ?      ?      ? ?    'X-RAY DIFFRACTION' ? 
r_nbtor_other                ?      ?      ? ?    'X-RAY DIFFRACTION' ? 
r_xyhbond_nbd_refined        ?      ?      ? ?    'X-RAY DIFFRACTION' ? 
r_xyhbond_nbd_other          ?      ?      ? ?    'X-RAY DIFFRACTION' ? 
r_metal_ion_refined          ?      ?      ? ?    'X-RAY DIFFRACTION' ? 
r_metal_ion_other            ?      ?      ? ?    'X-RAY DIFFRACTION' ? 
r_symmetry_vdw_refined       ?      ?      ? ?    'X-RAY DIFFRACTION' ? 
r_symmetry_vdw_other         ?      ?      ? ?    'X-RAY DIFFRACTION' ? 
r_symmetry_hbond_refined     ?      ?      ? ?    'X-RAY DIFFRACTION' ? 
r_symmetry_hbond_other       ?      ?      ? ?    'X-RAY DIFFRACTION' ? 
r_symmetry_metal_ion_refined ?      ?      ? ?    'X-RAY DIFFRACTION' ? 
r_symmetry_metal_ion_other   ?      ?      ? ?    'X-RAY DIFFRACTION' ? 
r_mcbond_it                  2.608  1.944  ? 261  'X-RAY DIFFRACTION' ? 
r_mcbond_other               2.547  1.934  ? 260  'X-RAY DIFFRACTION' ? 
r_mcangle_it                 3.727  2.898  ? 325  'X-RAY DIFFRACTION' ? 
r_mcangle_other              3.730  2.906  ? 326  'X-RAY DIFFRACTION' ? 
r_scbond_it                  4.982  2.398  ? 232  'X-RAY DIFFRACTION' ? 
r_scbond_other               4.971  2.398  ? 233  'X-RAY DIFFRACTION' ? 
r_scangle_it                 ?      ?      ? ?    'X-RAY DIFFRACTION' ? 
r_scangle_other              7.499  3.387  ? 344  'X-RAY DIFFRACTION' ? 
r_long_range_B_refined       9.060  17.394 ? 576  'X-RAY DIFFRACTION' ? 
r_long_range_B_other         8.732  16.233 ? 545  'X-RAY DIFFRACTION' ? 
r_rigid_bond_restr           ?      ?      ? ?    'X-RAY DIFFRACTION' ? 
r_sphericity_free            ?      ?      ? ?    'X-RAY DIFFRACTION' ? 
r_sphericity_bonded          ?      ?      ? ?    'X-RAY DIFFRACTION' ? 
# 
_refine_ls_shell.pdbx_refine_id                   'X-RAY DIFFRACTION' 
_refine_ls_shell.pdbx_total_number_of_bins_used   20 
_refine_ls_shell.d_res_high                       1.400 
_refine_ls_shell.d_res_low                        1.437 
_refine_ls_shell.number_reflns_R_work             483 
_refine_ls_shell.R_factor_R_work                  0.229 
_refine_ls_shell.percent_reflns_obs               51.78 
_refine_ls_shell.R_factor_R_free                  0.287 
_refine_ls_shell.R_factor_R_free_error            ? 
_refine_ls_shell.percent_reflns_R_free            ? 
_refine_ls_shell.number_reflns_R_free             55 
_refine_ls_shell.number_reflns_all                ? 
_refine_ls_shell.R_factor_all                     ? 
# 
_struct.entry_id                     4Y2M 
_struct.title                        'apo-GolB protein' 
_struct.pdbx_model_details           ? 
_struct.pdbx_formula_weight          ? 
_struct.pdbx_formula_weight_method   ? 
_struct.pdbx_model_type_details      ? 
_struct.pdbx_CASP_flag               ? 
# 
_struct_keywords.entry_id        4Y2M 
_struct_keywords.text            'Oxidized form, gold binding protein, METAL TRANSPORT' 
_struct_keywords.pdbx_keywords   'METAL TRANSPORT' 
# 
loop_
_struct_asym.id 
_struct_asym.pdbx_blank_PDB_chainid_flag 
_struct_asym.pdbx_modified 
_struct_asym.entity_id 
_struct_asym.details 
A N N 1 ? 
B N N 2 ? 
C N N 3 ? 
# 
_struct_ref.db_code                    U4MDP1_SALTM 
_struct_ref.db_name                    UNP 
_struct_ref.details                    ? 
_struct_ref.entity_id                  1 
_struct_ref.id                         1 
_struct_ref.seq_align                  ? 
_struct_ref.seq_dif                    ? 
_struct_ref.pdbx_db_accession          U4MDP1 
_struct_ref.pdbx_db_isoform            ? 
_struct_ref.pdbx_seq_one_letter_code   MQFHIDDMTCGGCASTVKKTILTLDANATVRTDPATRLVDVETSLSAEQIAAALQKAGFPPRER 
_struct_ref.pdbx_align_begin           1 
_struct_ref.pdbx_align_end             ? 
# 
_struct_ref_seq.align_id                      1 
_struct_ref_seq.ref_id                        1 
_struct_ref_seq.pdbx_PDB_id_code              4Y2M 
_struct_ref_seq.pdbx_strand_id                A 
_struct_ref_seq.seq_align_beg                 2 
_struct_ref_seq.pdbx_seq_align_beg_ins_code   ? 
_struct_ref_seq.seq_align_end                 65 
_struct_ref_seq.pdbx_seq_align_end_ins_code   ? 
_struct_ref_seq.pdbx_db_accession             U4MDP1 
_struct_ref_seq.db_align_beg                  1 
_struct_ref_seq.pdbx_db_align_beg_ins_code    ? 
_struct_ref_seq.db_align_end                  64 
_struct_ref_seq.pdbx_db_align_end_ins_code    ? 
_struct_ref_seq.pdbx_auth_seq_align_beg       1 
_struct_ref_seq.pdbx_auth_seq_align_end       64 
# 
_struct_ref_seq_dif.align_id                     1 
_struct_ref_seq_dif.pdbx_pdb_id_code             4Y2M 
_struct_ref_seq_dif.mon_id                       GLY 
_struct_ref_seq_dif.pdbx_pdb_strand_id           A 
_struct_ref_seq_dif.seq_num                      1 
_struct_ref_seq_dif.pdbx_pdb_ins_code            ? 
_struct_ref_seq_dif.pdbx_seq_db_name             UNP 
_struct_ref_seq_dif.pdbx_seq_db_accession_code   U4MDP1 
_struct_ref_seq_dif.db_mon_id                    ? 
_struct_ref_seq_dif.pdbx_seq_db_seq_num          ? 
_struct_ref_seq_dif.details                      'expression tag' 
_struct_ref_seq_dif.pdbx_auth_seq_num            0 
_struct_ref_seq_dif.pdbx_ordinal                 1 
# 
_pdbx_struct_assembly.id                   1 
_pdbx_struct_assembly.details              author_and_software_defined_assembly 
_pdbx_struct_assembly.method_details       PISA 
_pdbx_struct_assembly.oligomeric_details   monomeric 
_pdbx_struct_assembly.oligomeric_count     1 
# 
loop_
_pdbx_struct_assembly_prop.biol_id 
_pdbx_struct_assembly_prop.type 
_pdbx_struct_assembly_prop.value 
_pdbx_struct_assembly_prop.details 
1 'ABSA (A^2)' 100  ? 
1 MORE         -4   ? 
1 'SSA (A^2)'  3900 ? 
# 
_pdbx_struct_assembly_gen.assembly_id       1 
_pdbx_struct_assembly_gen.oper_expression   1 
_pdbx_struct_assembly_gen.asym_id_list      A,B,C 
# 
_pdbx_struct_oper_list.id                   1 
_pdbx_struct_oper_list.type                 'identity operation' 
_pdbx_struct_oper_list.name                 1_555 
_pdbx_struct_oper_list.symmetry_operation   x,y,z 
_pdbx_struct_oper_list.matrix[1][1]         1.0000000000 
_pdbx_struct_oper_list.matrix[1][2]         0.0000000000 
_pdbx_struct_oper_list.matrix[1][3]         0.0000000000 
_pdbx_struct_oper_list.vector[1]            0.0000000000 
_pdbx_struct_oper_list.matrix[2][1]         0.0000000000 
_pdbx_struct_oper_list.matrix[2][2]         1.0000000000 
_pdbx_struct_oper_list.matrix[2][3]         0.0000000000 
_pdbx_struct_oper_list.vector[2]            0.0000000000 
_pdbx_struct_oper_list.matrix[3][1]         0.0000000000 
_pdbx_struct_oper_list.matrix[3][2]         0.0000000000 
_pdbx_struct_oper_list.matrix[3][3]         1.0000000000 
_pdbx_struct_oper_list.vector[3]            0.0000000000 
# 
loop_
_struct_conf.conf_type_id 
_struct_conf.id 
_struct_conf.pdbx_PDB_helix_id 
_struct_conf.beg_label_comp_id 
_struct_conf.beg_label_asym_id 
_struct_conf.beg_label_seq_id 
_struct_conf.pdbx_beg_PDB_ins_code 
_struct_conf.end_label_comp_id 
_struct_conf.end_label_asym_id 
_struct_conf.end_label_seq_id 
_struct_conf.pdbx_end_PDB_ins_code 
_struct_conf.beg_auth_comp_id 
_struct_conf.beg_auth_asym_id 
_struct_conf.beg_auth_seq_id 
_struct_conf.end_auth_comp_id 
_struct_conf.end_auth_asym_id 
_struct_conf.end_auth_seq_id 
_struct_conf.pdbx_PDB_helix_class 
_struct_conf.details 
_struct_conf.pdbx_PDB_helix_length 
HELX_P HELX_P1 AA1 GLY A 13 ? ASP A 26 ? GLY A 12 ASP A 25 1 ? 14 
HELX_P HELX_P2 AA2 SER A 47 ? ALA A 58 ? SER A 46 ALA A 57 1 ? 12 
# 
_struct_conf_type.id          HELX_P 
_struct_conf_type.criteria    ? 
_struct_conf_type.reference   ? 
# 
_struct_conn.id                            disulf1 
_struct_conn.conn_type_id                  disulf 
_struct_conn.pdbx_leaving_atom_flag        ? 
_struct_conn.pdbx_PDB_id                   ? 
_struct_conn.ptnr1_label_asym_id           A 
_struct_conn.ptnr1_label_comp_id           CYS 
_struct_conn.ptnr1_label_seq_id            11 
_struct_conn.ptnr1_label_atom_id           SG 
_struct_conn.pdbx_ptnr1_label_alt_id       ? 
_struct_conn.pdbx_ptnr1_PDB_ins_code       ? 
_struct_conn.pdbx_ptnr1_standard_comp_id   ? 
_struct_conn.ptnr1_symmetry                1_555 
_struct_conn.ptnr2_label_asym_id           A 
_struct_conn.ptnr2_label_comp_id           CYS 
_struct_conn.ptnr2_label_seq_id            14 
_struct_conn.ptnr2_label_atom_id           SG 
_struct_conn.pdbx_ptnr2_label_alt_id       ? 
_struct_conn.pdbx_ptnr2_PDB_ins_code       ? 
_struct_conn.ptnr1_auth_asym_id            A 
_struct_conn.ptnr1_auth_comp_id            CYS 
_struct_conn.ptnr1_auth_seq_id             10 
_struct_conn.ptnr2_auth_asym_id            A 
_struct_conn.ptnr2_auth_comp_id            CYS 
_struct_conn.ptnr2_auth_seq_id             13 
_struct_conn.ptnr2_symmetry                1_555 
_struct_conn.pdbx_ptnr3_label_atom_id      ? 
_struct_conn.pdbx_ptnr3_label_seq_id       ? 
_struct_conn.pdbx_ptnr3_label_comp_id      ? 
_struct_conn.pdbx_ptnr3_label_asym_id      ? 
_struct_conn.pdbx_ptnr3_label_alt_id       ? 
_struct_conn.pdbx_ptnr3_PDB_ins_code       ? 
_struct_conn.details                       ? 
_struct_conn.pdbx_dist_value               2.181 
_struct_conn.pdbx_value_order              ? 
_struct_conn.pdbx_role                     ? 
# 
_struct_conn_type.id          disulf 
_struct_conn_type.criteria    ? 
_struct_conn_type.reference   ? 
# 
_pdbx_modification_feature.ordinal                            1 
_pdbx_modification_feature.label_comp_id                      CYS 
_pdbx_modification_feature.label_asym_id                      A 
_pdbx_modification_feature.label_seq_id                       11 
_pdbx_modification_feature.label_alt_id                       ? 
_pdbx_modification_feature.modified_residue_label_comp_id     CYS 
_pdbx_modification_feature.modified_residue_label_asym_id     A 
_pdbx_modification_feature.modified_residue_label_seq_id      14 
_pdbx_modification_feature.modified_residue_label_alt_id      ? 
_pdbx_modification_feature.auth_comp_id                       CYS 
_pdbx_modification_feature.auth_asym_id                       A 
_pdbx_modification_feature.auth_seq_id                        10 
_pdbx_modification_feature.PDB_ins_code                       ? 
_pdbx_modification_feature.symmetry                           1_555 
_pdbx_modification_feature.modified_residue_auth_comp_id      CYS 
_pdbx_modification_feature.modified_residue_auth_asym_id      A 
_pdbx_modification_feature.modified_residue_auth_seq_id       13 
_pdbx_modification_feature.modified_residue_PDB_ins_code      ? 
_pdbx_modification_feature.modified_residue_symmetry          1_555 
_pdbx_modification_feature.comp_id_linking_atom               SG 
_pdbx_modification_feature.modified_residue_id_linking_atom   SG 
_pdbx_modification_feature.modified_residue_id                . 
_pdbx_modification_feature.ref_pcm_id                         . 
_pdbx_modification_feature.ref_comp_id                        . 
_pdbx_modification_feature.type                               None 
_pdbx_modification_feature.category                           'Disulfide bridge' 
# 
_struct_sheet.id               AA1 
_struct_sheet.type             ? 
_struct_sheet.number_strands   4 
_struct_sheet.details          ? 
# 
loop_
_struct_sheet_order.sheet_id 
_struct_sheet_order.range_id_1 
_struct_sheet_order.range_id_2 
_struct_sheet_order.offset 
_struct_sheet_order.sense 
AA1 1 2 ? anti-parallel 
AA1 2 3 ? anti-parallel 
AA1 3 4 ? anti-parallel 
# 
loop_
_struct_sheet_range.sheet_id 
_struct_sheet_range.id 
_struct_sheet_range.beg_label_comp_id 
_struct_sheet_range.beg_label_asym_id 
_struct_sheet_range.beg_label_seq_id 
_struct_sheet_range.pdbx_beg_PDB_ins_code 
_struct_sheet_range.end_label_comp_id 
_struct_sheet_range.end_label_asym_id 
_struct_sheet_range.end_label_seq_id 
_struct_sheet_range.pdbx_end_PDB_ins_code 
_struct_sheet_range.beg_auth_comp_id 
_struct_sheet_range.beg_auth_asym_id 
_struct_sheet_range.beg_auth_seq_id 
_struct_sheet_range.end_auth_comp_id 
_struct_sheet_range.end_auth_asym_id 
_struct_sheet_range.end_auth_seq_id 
AA1 1 THR A 30 ? ASP A 34 ? THR A 29 ASP A 33 
AA1 2 LEU A 39 ? GLU A 43 ? LEU A 38 GLU A 42 
AA1 3 MET A 2  ? HIS A 5  ? MET A 1  HIS A 4  
AA1 4 ARG A 63 ? GLU A 64 ? ARG A 62 GLU A 63 
# 
loop_
_pdbx_struct_sheet_hbond.sheet_id 
_pdbx_struct_sheet_hbond.range_id_1 
_pdbx_struct_sheet_hbond.range_id_2 
_pdbx_struct_sheet_hbond.range_1_label_atom_id 
_pdbx_struct_sheet_hbond.range_1_label_comp_id 
_pdbx_struct_sheet_hbond.range_1_label_asym_id 
_pdbx_struct_sheet_hbond.range_1_label_seq_id 
_pdbx_struct_sheet_hbond.range_1_PDB_ins_code 
_pdbx_struct_sheet_hbond.range_1_auth_atom_id 
_pdbx_struct_sheet_hbond.range_1_auth_comp_id 
_pdbx_struct_sheet_hbond.range_1_auth_asym_id 
_pdbx_struct_sheet_hbond.range_1_auth_seq_id 
_pdbx_struct_sheet_hbond.range_2_label_atom_id 
_pdbx_struct_sheet_hbond.range_2_label_comp_id 
_pdbx_struct_sheet_hbond.range_2_label_asym_id 
_pdbx_struct_sheet_hbond.range_2_label_seq_id 
_pdbx_struct_sheet_hbond.range_2_PDB_ins_code 
_pdbx_struct_sheet_hbond.range_2_auth_atom_id 
_pdbx_struct_sheet_hbond.range_2_auth_comp_id 
_pdbx_struct_sheet_hbond.range_2_auth_asym_id 
_pdbx_struct_sheet_hbond.range_2_auth_seq_id 
AA1 1 2 N ARG A 32 ? N ARG A 31 O ASP A 41 ? O ASP A 40 
AA1 2 3 O VAL A 40 ? O VAL A 39 N PHE A 4  ? N PHE A 3  
AA1 3 4 N HIS A 5  ? N HIS A 4  O ARG A 63 ? O ARG A 62 
# 
_struct_site.id                   AC1 
_struct_site.pdbx_evidence_code   Software 
_struct_site.pdbx_auth_asym_id    A 
_struct_site.pdbx_auth_comp_id    AU 
_struct_site.pdbx_auth_seq_id     101 
_struct_site.pdbx_auth_ins_code   ? 
_struct_site.pdbx_num_residues    4 
_struct_site.details              'binding site for residue AU A 101' 
# 
loop_
_struct_site_gen.id 
_struct_site_gen.site_id 
_struct_site_gen.pdbx_num_res 
_struct_site_gen.label_comp_id 
_struct_site_gen.label_asym_id 
_struct_site_gen.label_seq_id 
_struct_site_gen.pdbx_auth_ins_code 
_struct_site_gen.auth_comp_id 
_struct_site_gen.auth_asym_id 
_struct_site_gen.auth_seq_id 
_struct_site_gen.label_atom_id 
_struct_site_gen.label_alt_id 
_struct_site_gen.symmetry 
_struct_site_gen.details 
1 AC1 4 LYS A 19 ? LYS A 18  . ? 8_555 ? 
2 AC1 4 LYS A 19 ? LYS A 18  . ? 1_555 ? 
3 AC1 4 VAL A 31 ? VAL A 30  . ? 1_555 ? 
4 AC1 4 HOH C .  ? HOH A 201 . ? 1_555 ? 
# 
_pdbx_entry_details.entry_id                   4Y2M 
_pdbx_entry_details.compound_details           ? 
_pdbx_entry_details.source_details             ? 
_pdbx_entry_details.nonpolymer_details         ? 
_pdbx_entry_details.sequence_details           ? 
_pdbx_entry_details.has_ligand_of_interest     ? 
_pdbx_entry_details.has_protein_modification   Y 
# 
loop_
_pdbx_validate_rmsd_bond.id 
_pdbx_validate_rmsd_bond.PDB_model_num 
_pdbx_validate_rmsd_bond.auth_atom_id_1 
_pdbx_validate_rmsd_bond.auth_asym_id_1 
_pdbx_validate_rmsd_bond.auth_comp_id_1 
_pdbx_validate_rmsd_bond.auth_seq_id_1 
_pdbx_validate_rmsd_bond.PDB_ins_code_1 
_pdbx_validate_rmsd_bond.label_alt_id_1 
_pdbx_validate_rmsd_bond.auth_atom_id_2 
_pdbx_validate_rmsd_bond.auth_asym_id_2 
_pdbx_validate_rmsd_bond.auth_comp_id_2 
_pdbx_validate_rmsd_bond.auth_seq_id_2 
_pdbx_validate_rmsd_bond.PDB_ins_code_2 
_pdbx_validate_rmsd_bond.label_alt_id_2 
_pdbx_validate_rmsd_bond.bond_value 
_pdbx_validate_rmsd_bond.bond_target_value 
_pdbx_validate_rmsd_bond.bond_deviation 
_pdbx_validate_rmsd_bond.bond_standard_deviation 
_pdbx_validate_rmsd_bond.linker_flag 
1 1 CB A MET 1  ? ? CG  A MET 1  ? ? 1.295 1.509 -0.214 0.032 N 
2 1 CB A CYS 13 ? ? SG  A CYS 13 ? ? 1.956 1.818 0.138  0.017 N 
3 1 CA A ALA 14 ? ? CB  A ALA 14 ? ? 1.346 1.520 -0.174 0.021 N 
4 1 CA A VAL 30 ? ? CB  A VAL 30 ? ? 1.413 1.543 -0.130 0.021 N 
5 1 CD A GLU 63 ? ? OE1 A GLU 63 ? ? 1.330 1.252 0.078  0.011 N 
# 
_pdbx_validate_torsion.id              1 
_pdbx_validate_torsion.PDB_model_num   1 
_pdbx_validate_torsion.auth_comp_id    THR 
_pdbx_validate_torsion.auth_asym_id    A 
_pdbx_validate_torsion.auth_seq_id     9 
_pdbx_validate_torsion.PDB_ins_code    ? 
_pdbx_validate_torsion.label_alt_id    ? 
_pdbx_validate_torsion.phi             -137.90 
_pdbx_validate_torsion.psi             -31.76 
# 
_pdbx_struct_special_symmetry.id              1 
_pdbx_struct_special_symmetry.PDB_model_num   1 
_pdbx_struct_special_symmetry.auth_asym_id    A 
_pdbx_struct_special_symmetry.auth_comp_id    LYS 
_pdbx_struct_special_symmetry.auth_seq_id     18 
_pdbx_struct_special_symmetry.PDB_ins_code    ? 
_pdbx_struct_special_symmetry.label_asym_id   A 
_pdbx_struct_special_symmetry.label_comp_id   LYS 
_pdbx_struct_special_symmetry.label_seq_id    19 
# 
loop_
_chem_comp_atom.comp_id 
_chem_comp_atom.atom_id 
_chem_comp_atom.type_symbol 
_chem_comp_atom.pdbx_aromatic_flag 
_chem_comp_atom.pdbx_stereo_config 
_chem_comp_atom.pdbx_ordinal 
ALA N    N  N N 1   
ALA CA   C  N S 2   
ALA C    C  N N 3   
ALA O    O  N N 4   
ALA CB   C  N N 5   
ALA OXT  O  N N 6   
ALA H    H  N N 7   
ALA H2   H  N N 8   
ALA HA   H  N N 9   
ALA HB1  H  N N 10  
ALA HB2  H  N N 11  
ALA HB3  H  N N 12  
ALA HXT  H  N N 13  
ARG N    N  N N 14  
ARG CA   C  N S 15  
ARG C    C  N N 16  
ARG O    O  N N 17  
ARG CB   C  N N 18  
ARG CG   C  N N 19  
ARG CD   C  N N 20  
ARG NE   N  N N 21  
ARG CZ   C  N N 22  
ARG NH1  N  N N 23  
ARG NH2  N  N N 24  
ARG OXT  O  N N 25  
ARG H    H  N N 26  
ARG H2   H  N N 27  
ARG HA   H  N N 28  
ARG HB2  H  N N 29  
ARG HB3  H  N N 30  
ARG HG2  H  N N 31  
ARG HG3  H  N N 32  
ARG HD2  H  N N 33  
ARG HD3  H  N N 34  
ARG HE   H  N N 35  
ARG HH11 H  N N 36  
ARG HH12 H  N N 37  
ARG HH21 H  N N 38  
ARG HH22 H  N N 39  
ARG HXT  H  N N 40  
ASN N    N  N N 41  
ASN CA   C  N S 42  
ASN C    C  N N 43  
ASN O    O  N N 44  
ASN CB   C  N N 45  
ASN CG   C  N N 46  
ASN OD1  O  N N 47  
ASN ND2  N  N N 48  
ASN OXT  O  N N 49  
ASN H    H  N N 50  
ASN H2   H  N N 51  
ASN HA   H  N N 52  
ASN HB2  H  N N 53  
ASN HB3  H  N N 54  
ASN HD21 H  N N 55  
ASN HD22 H  N N 56  
ASN HXT  H  N N 57  
ASP N    N  N N 58  
ASP CA   C  N S 59  
ASP C    C  N N 60  
ASP O    O  N N 61  
ASP CB   C  N N 62  
ASP CG   C  N N 63  
ASP OD1  O  N N 64  
ASP OD2  O  N N 65  
ASP OXT  O  N N 66  
ASP H    H  N N 67  
ASP H2   H  N N 68  
ASP HA   H  N N 69  
ASP HB2  H  N N 70  
ASP HB3  H  N N 71  
ASP HD2  H  N N 72  
ASP HXT  H  N N 73  
AU  AU   AU N N 74  
CYS N    N  N N 75  
CYS CA   C  N R 76  
CYS C    C  N N 77  
CYS O    O  N N 78  
CYS CB   C  N N 79  
CYS SG   S  N N 80  
CYS OXT  O  N N 81  
CYS H    H  N N 82  
CYS H2   H  N N 83  
CYS HA   H  N N 84  
CYS HB2  H  N N 85  
CYS HB3  H  N N 86  
CYS HG   H  N N 87  
CYS HXT  H  N N 88  
GLN N    N  N N 89  
GLN CA   C  N S 90  
GLN C    C  N N 91  
GLN O    O  N N 92  
GLN CB   C  N N 93  
GLN CG   C  N N 94  
GLN CD   C  N N 95  
GLN OE1  O  N N 96  
GLN NE2  N  N N 97  
GLN OXT  O  N N 98  
GLN H    H  N N 99  
GLN H2   H  N N 100 
GLN HA   H  N N 101 
GLN HB2  H  N N 102 
GLN HB3  H  N N 103 
GLN HG2  H  N N 104 
GLN HG3  H  N N 105 
GLN HE21 H  N N 106 
GLN HE22 H  N N 107 
GLN HXT  H  N N 108 
GLU N    N  N N 109 
GLU CA   C  N S 110 
GLU C    C  N N 111 
GLU O    O  N N 112 
GLU CB   C  N N 113 
GLU CG   C  N N 114 
GLU CD   C  N N 115 
GLU OE1  O  N N 116 
GLU OE2  O  N N 117 
GLU OXT  O  N N 118 
GLU H    H  N N 119 
GLU H2   H  N N 120 
GLU HA   H  N N 121 
GLU HB2  H  N N 122 
GLU HB3  H  N N 123 
GLU HG2  H  N N 124 
GLU HG3  H  N N 125 
GLU HE2  H  N N 126 
GLU HXT  H  N N 127 
GLY N    N  N N 128 
GLY CA   C  N N 129 
GLY C    C  N N 130 
GLY O    O  N N 131 
GLY OXT  O  N N 132 
GLY H    H  N N 133 
GLY H2   H  N N 134 
GLY HA2  H  N N 135 
GLY HA3  H  N N 136 
GLY HXT  H  N N 137 
HIS N    N  N N 138 
HIS CA   C  N S 139 
HIS C    C  N N 140 
HIS O    O  N N 141 
HIS CB   C  N N 142 
HIS CG   C  Y N 143 
HIS ND1  N  Y N 144 
HIS CD2  C  Y N 145 
HIS CE1  C  Y N 146 
HIS NE2  N  Y N 147 
HIS OXT  O  N N 148 
HIS H    H  N N 149 
HIS H2   H  N N 150 
HIS HA   H  N N 151 
HIS HB2  H  N N 152 
HIS HB3  H  N N 153 
HIS HD1  H  N N 154 
HIS HD2  H  N N 155 
HIS HE1  H  N N 156 
HIS HE2  H  N N 157 
HIS HXT  H  N N 158 
HOH O    O  N N 159 
HOH H1   H  N N 160 
HOH H2   H  N N 161 
ILE N    N  N N 162 
ILE CA   C  N S 163 
ILE C    C  N N 164 
ILE O    O  N N 165 
ILE CB   C  N S 166 
ILE CG1  C  N N 167 
ILE CG2  C  N N 168 
ILE CD1  C  N N 169 
ILE OXT  O  N N 170 
ILE H    H  N N 171 
ILE H2   H  N N 172 
ILE HA   H  N N 173 
ILE HB   H  N N 174 
ILE HG12 H  N N 175 
ILE HG13 H  N N 176 
ILE HG21 H  N N 177 
ILE HG22 H  N N 178 
ILE HG23 H  N N 179 
ILE HD11 H  N N 180 
ILE HD12 H  N N 181 
ILE HD13 H  N N 182 
ILE HXT  H  N N 183 
LEU N    N  N N 184 
LEU CA   C  N S 185 
LEU C    C  N N 186 
LEU O    O  N N 187 
LEU CB   C  N N 188 
LEU CG   C  N N 189 
LEU CD1  C  N N 190 
LEU CD2  C  N N 191 
LEU OXT  O  N N 192 
LEU H    H  N N 193 
LEU H2   H  N N 194 
LEU HA   H  N N 195 
LEU HB2  H  N N 196 
LEU HB3  H  N N 197 
LEU HG   H  N N 198 
LEU HD11 H  N N 199 
LEU HD12 H  N N 200 
LEU HD13 H  N N 201 
LEU HD21 H  N N 202 
LEU HD22 H  N N 203 
LEU HD23 H  N N 204 
LEU HXT  H  N N 205 
LYS N    N  N N 206 
LYS CA   C  N S 207 
LYS C    C  N N 208 
LYS O    O  N N 209 
LYS CB   C  N N 210 
LYS CG   C  N N 211 
LYS CD   C  N N 212 
LYS CE   C  N N 213 
LYS NZ   N  N N 214 
LYS OXT  O  N N 215 
LYS H    H  N N 216 
LYS H2   H  N N 217 
LYS HA   H  N N 218 
LYS HB2  H  N N 219 
LYS HB3  H  N N 220 
LYS HG2  H  N N 221 
LYS HG3  H  N N 222 
LYS HD2  H  N N 223 
LYS HD3  H  N N 224 
LYS HE2  H  N N 225 
LYS HE3  H  N N 226 
LYS HZ1  H  N N 227 
LYS HZ2  H  N N 228 
LYS HZ3  H  N N 229 
LYS HXT  H  N N 230 
MET N    N  N N 231 
MET CA   C  N S 232 
MET C    C  N N 233 
MET O    O  N N 234 
MET CB   C  N N 235 
MET CG   C  N N 236 
MET SD   S  N N 237 
MET CE   C  N N 238 
MET OXT  O  N N 239 
MET H    H  N N 240 
MET H2   H  N N 241 
MET HA   H  N N 242 
MET HB2  H  N N 243 
MET HB3  H  N N 244 
MET HG2  H  N N 245 
MET HG3  H  N N 246 
MET HE1  H  N N 247 
MET HE2  H  N N 248 
MET HE3  H  N N 249 
MET HXT  H  N N 250 
PHE N    N  N N 251 
PHE CA   C  N S 252 
PHE C    C  N N 253 
PHE O    O  N N 254 
PHE CB   C  N N 255 
PHE CG   C  Y N 256 
PHE CD1  C  Y N 257 
PHE CD2  C  Y N 258 
PHE CE1  C  Y N 259 
PHE CE2  C  Y N 260 
PHE CZ   C  Y N 261 
PHE OXT  O  N N 262 
PHE H    H  N N 263 
PHE H2   H  N N 264 
PHE HA   H  N N 265 
PHE HB2  H  N N 266 
PHE HB3  H  N N 267 
PHE HD1  H  N N 268 
PHE HD2  H  N N 269 
PHE HE1  H  N N 270 
PHE HE2  H  N N 271 
PHE HZ   H  N N 272 
PHE HXT  H  N N 273 
PRO N    N  N N 274 
PRO CA   C  N S 275 
PRO C    C  N N 276 
PRO O    O  N N 277 
PRO CB   C  N N 278 
PRO CG   C  N N 279 
PRO CD   C  N N 280 
PRO OXT  O  N N 281 
PRO H    H  N N 282 
PRO HA   H  N N 283 
PRO HB2  H  N N 284 
PRO HB3  H  N N 285 
PRO HG2  H  N N 286 
PRO HG3  H  N N 287 
PRO HD2  H  N N 288 
PRO HD3  H  N N 289 
PRO HXT  H  N N 290 
SER N    N  N N 291 
SER CA   C  N S 292 
SER C    C  N N 293 
SER O    O  N N 294 
SER CB   C  N N 295 
SER OG   O  N N 296 
SER OXT  O  N N 297 
SER H    H  N N 298 
SER H2   H  N N 299 
SER HA   H  N N 300 
SER HB2  H  N N 301 
SER HB3  H  N N 302 
SER HG   H  N N 303 
SER HXT  H  N N 304 
THR N    N  N N 305 
THR CA   C  N S 306 
THR C    C  N N 307 
THR O    O  N N 308 
THR CB   C  N R 309 
THR OG1  O  N N 310 
THR CG2  C  N N 311 
THR OXT  O  N N 312 
THR H    H  N N 313 
THR H2   H  N N 314 
THR HA   H  N N 315 
THR HB   H  N N 316 
THR HG1  H  N N 317 
THR HG21 H  N N 318 
THR HG22 H  N N 319 
THR HG23 H  N N 320 
THR HXT  H  N N 321 
VAL N    N  N N 322 
VAL CA   C  N S 323 
VAL C    C  N N 324 
VAL O    O  N N 325 
VAL CB   C  N N 326 
VAL CG1  C  N N 327 
VAL CG2  C  N N 328 
VAL OXT  O  N N 329 
VAL H    H  N N 330 
VAL H2   H  N N 331 
VAL HA   H  N N 332 
VAL HB   H  N N 333 
VAL HG11 H  N N 334 
VAL HG12 H  N N 335 
VAL HG13 H  N N 336 
VAL HG21 H  N N 337 
VAL HG22 H  N N 338 
VAL HG23 H  N N 339 
VAL HXT  H  N N 340 
# 
loop_
_chem_comp_bond.comp_id 
_chem_comp_bond.atom_id_1 
_chem_comp_bond.atom_id_2 
_chem_comp_bond.value_order 
_chem_comp_bond.pdbx_aromatic_flag 
_chem_comp_bond.pdbx_stereo_config 
_chem_comp_bond.pdbx_ordinal 
ALA N   CA   sing N N 1   
ALA N   H    sing N N 2   
ALA N   H2   sing N N 3   
ALA CA  C    sing N N 4   
ALA CA  CB   sing N N 5   
ALA CA  HA   sing N N 6   
ALA C   O    doub N N 7   
ALA C   OXT  sing N N 8   
ALA CB  HB1  sing N N 9   
ALA CB  HB2  sing N N 10  
ALA CB  HB3  sing N N 11  
ALA OXT HXT  sing N N 12  
ARG N   CA   sing N N 13  
ARG N   H    sing N N 14  
ARG N   H2   sing N N 15  
ARG CA  C    sing N N 16  
ARG CA  CB   sing N N 17  
ARG CA  HA   sing N N 18  
ARG C   O    doub N N 19  
ARG C   OXT  sing N N 20  
ARG CB  CG   sing N N 21  
ARG CB  HB2  sing N N 22  
ARG CB  HB3  sing N N 23  
ARG CG  CD   sing N N 24  
ARG CG  HG2  sing N N 25  
ARG CG  HG3  sing N N 26  
ARG CD  NE   sing N N 27  
ARG CD  HD2  sing N N 28  
ARG CD  HD3  sing N N 29  
ARG NE  CZ   sing N N 30  
ARG NE  HE   sing N N 31  
ARG CZ  NH1  sing N N 32  
ARG CZ  NH2  doub N N 33  
ARG NH1 HH11 sing N N 34  
ARG NH1 HH12 sing N N 35  
ARG NH2 HH21 sing N N 36  
ARG NH2 HH22 sing N N 37  
ARG OXT HXT  sing N N 38  
ASN N   CA   sing N N 39  
ASN N   H    sing N N 40  
ASN N   H2   sing N N 41  
ASN CA  C    sing N N 42  
ASN CA  CB   sing N N 43  
ASN CA  HA   sing N N 44  
ASN C   O    doub N N 45  
ASN C   OXT  sing N N 46  
ASN CB  CG   sing N N 47  
ASN CB  HB2  sing N N 48  
ASN CB  HB3  sing N N 49  
ASN CG  OD1  doub N N 50  
ASN CG  ND2  sing N N 51  
ASN ND2 HD21 sing N N 52  
ASN ND2 HD22 sing N N 53  
ASN OXT HXT  sing N N 54  
ASP N   CA   sing N N 55  
ASP N   H    sing N N 56  
ASP N   H2   sing N N 57  
ASP CA  C    sing N N 58  
ASP CA  CB   sing N N 59  
ASP CA  HA   sing N N 60  
ASP C   O    doub N N 61  
ASP C   OXT  sing N N 62  
ASP CB  CG   sing N N 63  
ASP CB  HB2  sing N N 64  
ASP CB  HB3  sing N N 65  
ASP CG  OD1  doub N N 66  
ASP CG  OD2  sing N N 67  
ASP OD2 HD2  sing N N 68  
ASP OXT HXT  sing N N 69  
CYS N   CA   sing N N 70  
CYS N   H    sing N N 71  
CYS N   H2   sing N N 72  
CYS CA  C    sing N N 73  
CYS CA  CB   sing N N 74  
CYS CA  HA   sing N N 75  
CYS C   O    doub N N 76  
CYS C   OXT  sing N N 77  
CYS CB  SG   sing N N 78  
CYS CB  HB2  sing N N 79  
CYS CB  HB3  sing N N 80  
CYS SG  HG   sing N N 81  
CYS OXT HXT  sing N N 82  
GLN N   CA   sing N N 83  
GLN N   H    sing N N 84  
GLN N   H2   sing N N 85  
GLN CA  C    sing N N 86  
GLN CA  CB   sing N N 87  
GLN CA  HA   sing N N 88  
GLN C   O    doub N N 89  
GLN C   OXT  sing N N 90  
GLN CB  CG   sing N N 91  
GLN CB  HB2  sing N N 92  
GLN CB  HB3  sing N N 93  
GLN CG  CD   sing N N 94  
GLN CG  HG2  sing N N 95  
GLN CG  HG3  sing N N 96  
GLN CD  OE1  doub N N 97  
GLN CD  NE2  sing N N 98  
GLN NE2 HE21 sing N N 99  
GLN NE2 HE22 sing N N 100 
GLN OXT HXT  sing N N 101 
GLU N   CA   sing N N 102 
GLU N   H    sing N N 103 
GLU N   H2   sing N N 104 
GLU CA  C    sing N N 105 
GLU CA  CB   sing N N 106 
GLU CA  HA   sing N N 107 
GLU C   O    doub N N 108 
GLU C   OXT  sing N N 109 
GLU CB  CG   sing N N 110 
GLU CB  HB2  sing N N 111 
GLU CB  HB3  sing N N 112 
GLU CG  CD   sing N N 113 
GLU CG  HG2  sing N N 114 
GLU CG  HG3  sing N N 115 
GLU CD  OE1  doub N N 116 
GLU CD  OE2  sing N N 117 
GLU OE2 HE2  sing N N 118 
GLU OXT HXT  sing N N 119 
GLY N   CA   sing N N 120 
GLY N   H    sing N N 121 
GLY N   H2   sing N N 122 
GLY CA  C    sing N N 123 
GLY CA  HA2  sing N N 124 
GLY CA  HA3  sing N N 125 
GLY C   O    doub N N 126 
GLY C   OXT  sing N N 127 
GLY OXT HXT  sing N N 128 
HIS N   CA   sing N N 129 
HIS N   H    sing N N 130 
HIS N   H2   sing N N 131 
HIS CA  C    sing N N 132 
HIS CA  CB   sing N N 133 
HIS CA  HA   sing N N 134 
HIS C   O    doub N N 135 
HIS C   OXT  sing N N 136 
HIS CB  CG   sing N N 137 
HIS CB  HB2  sing N N 138 
HIS CB  HB3  sing N N 139 
HIS CG  ND1  sing Y N 140 
HIS CG  CD2  doub Y N 141 
HIS ND1 CE1  doub Y N 142 
HIS ND1 HD1  sing N N 143 
HIS CD2 NE2  sing Y N 144 
HIS CD2 HD2  sing N N 145 
HIS CE1 NE2  sing Y N 146 
HIS CE1 HE1  sing N N 147 
HIS NE2 HE2  sing N N 148 
HIS OXT HXT  sing N N 149 
HOH O   H1   sing N N 150 
HOH O   H2   sing N N 151 
ILE N   CA   sing N N 152 
ILE N   H    sing N N 153 
ILE N   H2   sing N N 154 
ILE CA  C    sing N N 155 
ILE CA  CB   sing N N 156 
ILE CA  HA   sing N N 157 
ILE C   O    doub N N 158 
ILE C   OXT  sing N N 159 
ILE CB  CG1  sing N N 160 
ILE CB  CG2  sing N N 161 
ILE CB  HB   sing N N 162 
ILE CG1 CD1  sing N N 163 
ILE CG1 HG12 sing N N 164 
ILE CG1 HG13 sing N N 165 
ILE CG2 HG21 sing N N 166 
ILE CG2 HG22 sing N N 167 
ILE CG2 HG23 sing N N 168 
ILE CD1 HD11 sing N N 169 
ILE CD1 HD12 sing N N 170 
ILE CD1 HD13 sing N N 171 
ILE OXT HXT  sing N N 172 
LEU N   CA   sing N N 173 
LEU N   H    sing N N 174 
LEU N   H2   sing N N 175 
LEU CA  C    sing N N 176 
LEU CA  CB   sing N N 177 
LEU CA  HA   sing N N 178 
LEU C   O    doub N N 179 
LEU C   OXT  sing N N 180 
LEU CB  CG   sing N N 181 
LEU CB  HB2  sing N N 182 
LEU CB  HB3  sing N N 183 
LEU CG  CD1  sing N N 184 
LEU CG  CD2  sing N N 185 
LEU CG  HG   sing N N 186 
LEU CD1 HD11 sing N N 187 
LEU CD1 HD12 sing N N 188 
LEU CD1 HD13 sing N N 189 
LEU CD2 HD21 sing N N 190 
LEU CD2 HD22 sing N N 191 
LEU CD2 HD23 sing N N 192 
LEU OXT HXT  sing N N 193 
LYS N   CA   sing N N 194 
LYS N   H    sing N N 195 
LYS N   H2   sing N N 196 
LYS CA  C    sing N N 197 
LYS CA  CB   sing N N 198 
LYS CA  HA   sing N N 199 
LYS C   O    doub N N 200 
LYS C   OXT  sing N N 201 
LYS CB  CG   sing N N 202 
LYS CB  HB2  sing N N 203 
LYS CB  HB3  sing N N 204 
LYS CG  CD   sing N N 205 
LYS CG  HG2  sing N N 206 
LYS CG  HG3  sing N N 207 
LYS CD  CE   sing N N 208 
LYS CD  HD2  sing N N 209 
LYS CD  HD3  sing N N 210 
LYS CE  NZ   sing N N 211 
LYS CE  HE2  sing N N 212 
LYS CE  HE3  sing N N 213 
LYS NZ  HZ1  sing N N 214 
LYS NZ  HZ2  sing N N 215 
LYS NZ  HZ3  sing N N 216 
LYS OXT HXT  sing N N 217 
MET N   CA   sing N N 218 
MET N   H    sing N N 219 
MET N   H2   sing N N 220 
MET CA  C    sing N N 221 
MET CA  CB   sing N N 222 
MET CA  HA   sing N N 223 
MET C   O    doub N N 224 
MET C   OXT  sing N N 225 
MET CB  CG   sing N N 226 
MET CB  HB2  sing N N 227 
MET CB  HB3  sing N N 228 
MET CG  SD   sing N N 229 
MET CG  HG2  sing N N 230 
MET CG  HG3  sing N N 231 
MET SD  CE   sing N N 232 
MET CE  HE1  sing N N 233 
MET CE  HE2  sing N N 234 
MET CE  HE3  sing N N 235 
MET OXT HXT  sing N N 236 
PHE N   CA   sing N N 237 
PHE N   H    sing N N 238 
PHE N   H2   sing N N 239 
PHE CA  C    sing N N 240 
PHE CA  CB   sing N N 241 
PHE CA  HA   sing N N 242 
PHE C   O    doub N N 243 
PHE C   OXT  sing N N 244 
PHE CB  CG   sing N N 245 
PHE CB  HB2  sing N N 246 
PHE CB  HB3  sing N N 247 
PHE CG  CD1  doub Y N 248 
PHE CG  CD2  sing Y N 249 
PHE CD1 CE1  sing Y N 250 
PHE CD1 HD1  sing N N 251 
PHE CD2 CE2  doub Y N 252 
PHE CD2 HD2  sing N N 253 
PHE CE1 CZ   doub Y N 254 
PHE CE1 HE1  sing N N 255 
PHE CE2 CZ   sing Y N 256 
PHE CE2 HE2  sing N N 257 
PHE CZ  HZ   sing N N 258 
PHE OXT HXT  sing N N 259 
PRO N   CA   sing N N 260 
PRO N   CD   sing N N 261 
PRO N   H    sing N N 262 
PRO CA  C    sing N N 263 
PRO CA  CB   sing N N 264 
PRO CA  HA   sing N N 265 
PRO C   O    doub N N 266 
PRO C   OXT  sing N N 267 
PRO CB  CG   sing N N 268 
PRO CB  HB2  sing N N 269 
PRO CB  HB3  sing N N 270 
PRO CG  CD   sing N N 271 
PRO CG  HG2  sing N N 272 
PRO CG  HG3  sing N N 273 
PRO CD  HD2  sing N N 274 
PRO CD  HD3  sing N N 275 
PRO OXT HXT  sing N N 276 
SER N   CA   sing N N 277 
SER N   H    sing N N 278 
SER N   H2   sing N N 279 
SER CA  C    sing N N 280 
SER CA  CB   sing N N 281 
SER CA  HA   sing N N 282 
SER C   O    doub N N 283 
SER C   OXT  sing N N 284 
SER CB  OG   sing N N 285 
SER CB  HB2  sing N N 286 
SER CB  HB3  sing N N 287 
SER OG  HG   sing N N 288 
SER OXT HXT  sing N N 289 
THR N   CA   sing N N 290 
THR N   H    sing N N 291 
THR N   H2   sing N N 292 
THR CA  C    sing N N 293 
THR CA  CB   sing N N 294 
THR CA  HA   sing N N 295 
THR C   O    doub N N 296 
THR C   OXT  sing N N 297 
THR CB  OG1  sing N N 298 
THR CB  CG2  sing N N 299 
THR CB  HB   sing N N 300 
THR OG1 HG1  sing N N 301 
THR CG2 HG21 sing N N 302 
THR CG2 HG22 sing N N 303 
THR CG2 HG23 sing N N 304 
THR OXT HXT  sing N N 305 
VAL N   CA   sing N N 306 
VAL N   H    sing N N 307 
VAL N   H2   sing N N 308 
VAL CA  C    sing N N 309 
VAL CA  CB   sing N N 310 
VAL CA  HA   sing N N 311 
VAL C   O    doub N N 312 
VAL C   OXT  sing N N 313 
VAL CB  CG1  sing N N 314 
VAL CB  CG2  sing N N 315 
VAL CB  HB   sing N N 316 
VAL CG1 HG11 sing N N 317 
VAL CG1 HG12 sing N N 318 
VAL CG1 HG13 sing N N 319 
VAL CG2 HG21 sing N N 320 
VAL CG2 HG22 sing N N 321 
VAL CG2 HG23 sing N N 322 
VAL OXT HXT  sing N N 323 
# 
_atom_sites.entry_id                    4Y2M 
_atom_sites.fract_transf_matrix[1][1]   -0.01057437 
_atom_sites.fract_transf_matrix[1][2]   -0.02934607 
_atom_sites.fract_transf_matrix[1][3]   -0.00113962 
_atom_sites.fract_transf_matrix[2][1]   -0.01968254 
_atom_sites.fract_transf_matrix[2][2]   -0.01035860 
_atom_sites.fract_transf_matrix[2][3]   0.02190001 
_atom_sites.fract_transf_matrix[3][1]   -0.00456941 
_atom_sites.fract_transf_matrix[3][2]   0.00177342 
_atom_sites.fract_transf_matrix[3][3]   -0.00326792 
_atom_sites.fract_transf_vector[1]      0.080733 
_atom_sites.fract_transf_vector[2]      -0.285283 
_atom_sites.fract_transf_vector[3]      -0.021844 
# 
loop_
_atom_type.symbol 
AU 
C  
N  
O  
S  
# 
loop_
_atom_site.group_PDB 
_atom_site.id 
_atom_site.type_symbol 
_atom_site.label_atom_id 
_atom_site.label_alt_id 
_atom_site.label_comp_id 
_atom_site.label_asym_id 
_atom_site.label_entity_id 
_atom_site.label_seq_id 
_atom_site.pdbx_PDB_ins_code 
_atom_site.Cartn_x 
_atom_site.Cartn_y 
_atom_site.Cartn_z 
_atom_site.occupancy 
_atom_site.B_iso_or_equiv 
_atom_site.pdbx_formal_charge 
_atom_site.auth_seq_id 
_atom_site.auth_comp_id 
_atom_site.auth_asym_id 
_atom_site.auth_atom_id 
_atom_site.pdbx_PDB_model_num 
ATOM   1   N  N   . GLY A 1 1  ? 4.373   4.237   11.287  1.00 54.63 ? 0   GLY A N   1 
ATOM   2   C  CA  . GLY A 1 1  ? 3.457   5.015   10.431  1.00 45.26 ? 0   GLY A CA  1 
ATOM   3   C  C   . GLY A 1 1  ? 4.275   5.464   9.220   1.00 40.29 ? 0   GLY A C   1 
ATOM   4   O  O   . GLY A 1 1  ? 5.164   6.314   9.318   1.00 47.38 ? 0   GLY A O   1 
ATOM   5   N  N   . MET A 1 2  ? 4.005   4.866   8.167   1.00 27.50 ? 1   MET A N   1 
ATOM   6   C  CA  . MET A 1 2  ? 4.758   4.983   7.004   1.00 23.68 ? 1   MET A CA  1 
ATOM   7   C  C   . MET A 1 2  ? 3.806   5.385   5.878   1.00 19.80 ? 1   MET A C   1 
ATOM   8   O  O   . MET A 1 2  ? 2.602   5.124   5.971   1.00 21.46 ? 1   MET A O   1 
ATOM   9   C  CB  . MET A 1 2  ? 5.470   3.623   6.732   1.00 27.57 ? 1   MET A CB  1 
ATOM   10  C  CG  . MET A 1 2  ? 4.732   2.705   6.193   1.00 27.21 ? 1   MET A CG  1 
ATOM   11  S  SD  . MET A 1 2  ? 5.404   0.968   5.992   1.00 23.66 ? 1   MET A SD  1 
ATOM   12  C  CE  . MET A 1 2  ? 6.218   0.706   7.413   1.00 24.07 ? 1   MET A CE  1 
ATOM   13  N  N   . GLN A 1 3  ? 4.273   6.113   4.817   1.00 19.14 ? 2   GLN A N   1 
ATOM   14  C  CA  . GLN A 1 3  ? 3.364   6.566   3.786   1.00 18.59 ? 2   GLN A CA  1 
ATOM   15  C  C   . GLN A 1 3  ? 4.023   6.361   2.416   1.00 17.32 ? 2   GLN A C   1 
ATOM   16  O  O   . GLN A 1 3  ? 5.264   6.518   2.347   1.00 20.32 ? 2   GLN A O   1 
ATOM   17  C  CB  . GLN A 1 3  ? 3.061   8.065   3.928   1.00 22.64 ? 2   GLN A CB  1 
ATOM   18  C  CG  . GLN A 1 3  ? 2.154   8.600   2.953   1.00 26.78 ? 2   GLN A CG  1 
ATOM   19  C  CD  . GLN A 1 3  ? 1.963   10.078  3.145   1.00 27.68 ? 2   GLN A CD  1 
ATOM   20  O  OE1 . GLN A 1 3  ? 2.804   10.937  2.646   1.00 34.77 ? 2   GLN A OE1 1 
ATOM   21  N  NE2 . GLN A 1 3  ? 0.901   10.415  3.732   1.00 29.47 ? 2   GLN A NE2 1 
ATOM   22  N  N   . PHE A 1 4  ? 3.285   5.947   1.446   1.00 16.83 ? 3   PHE A N   1 
ATOM   23  C  CA  . PHE A 1 4  ? 3.732   5.702   0.142   1.00 15.86 ? 3   PHE A CA  1 
ATOM   24  C  C   . PHE A 1 4  ? 2.876   6.436   -0.833  1.00 17.42 ? 3   PHE A C   1 
ATOM   25  O  O   . PHE A 1 4  ? 1.647   6.544   -0.626  1.00 18.37 ? 3   PHE A O   1 
ATOM   26  C  CB  . PHE A 1 4  ? 3.648   4.200   -0.217  1.00 16.24 ? 3   PHE A CB  1 
ATOM   27  C  CG  . PHE A 1 4  ? 4.463   3.317   0.715   1.00 17.64 ? 3   PHE A CG  1 
ATOM   28  C  CD1 . PHE A 1 4  ? 5.790   3.149   0.512   1.00 17.79 ? 3   PHE A CD1 1 
ATOM   29  C  CD2 . PHE A 1 4  ? 3.887   2.771   1.842   1.00 19.31 ? 3   PHE A CD2 1 
ATOM   30  C  CE1 . PHE A 1 4  ? 6.523   2.303   1.354   1.00 18.10 ? 3   PHE A CE1 1 
ATOM   31  C  CE2 . PHE A 1 4  ? 4.626   1.878   2.636   1.00 23.14 ? 3   PHE A CE2 1 
ATOM   32  C  CZ  . PHE A 1 4  ? 5.888   1.696   2.377   1.00 18.63 ? 3   PHE A CZ  1 
ATOM   33  N  N   . HIS A 1 5  ? 3.450   6.863   -1.968  1.00 13.62 ? 4   HIS A N   1 
ATOM   34  C  CA  . HIS A 1 5  ? 2.681   7.324   -3.078  1.00 14.58 ? 4   HIS A CA  1 
ATOM   35  C  C   . HIS A 1 5  ? 2.634   6.281   -4.132  1.00 14.95 ? 4   HIS A C   1 
ATOM   36  O  O   . HIS A 1 5  ? 3.737   5.744   -4.537  1.00 15.65 ? 4   HIS A O   1 
ATOM   37  C  CB  . HIS A 1 5  ? 3.322   8.644   -3.619  1.00 14.46 ? 4   HIS A CB  1 
ATOM   38  C  CG  . HIS A 1 5  ? 2.577   9.274   -4.732  1.00 14.86 ? 4   HIS A CG  1 
ATOM   39  N  ND1 . HIS A 1 5  ? 2.945   9.190   -6.010  1.00 18.36 ? 4   HIS A ND1 1 
ATOM   40  C  CD2 . HIS A 1 5  ? 1.351   9.889   -4.747  1.00 15.03 ? 4   HIS A CD2 1 
ATOM   41  C  CE1 . HIS A 1 5  ? 2.034   9.759   -6.789  1.00 18.36 ? 4   HIS A CE1 1 
ATOM   42  N  NE2 . HIS A 1 5  ? 1.089   10.238  -6.004  1.00 17.58 ? 4   HIS A NE2 1 
ATOM   43  N  N   . ILE A 1 6  ? 1.499   5.938   -4.684  1.00 14.26 ? 5   ILE A N   1 
ATOM   44  C  CA  . ILE A 1 6  ? 1.371   4.890   -5.669  1.00 15.19 ? 5   ILE A CA  1 
ATOM   45  C  C   . ILE A 1 6  ? 0.711   5.386   -6.905  1.00 19.25 ? 5   ILE A C   1 
ATOM   46  O  O   . ILE A 1 6  ? -0.472  5.499   -7.000  1.00 18.45 ? 5   ILE A O   1 
ATOM   47  C  CB  . ILE A 1 6  ? 0.610   3.675   -5.092  1.00 19.46 ? 5   ILE A CB  1 
ATOM   48  C  CG1 . ILE A 1 6  ? 1.250   3.231   -3.775  1.00 21.55 ? 5   ILE A CG1 1 
ATOM   49  C  CG2 . ILE A 1 6  ? 0.559   2.543   -6.123  1.00 21.65 ? 5   ILE A CG2 1 
ATOM   50  C  CD1 . ILE A 1 6  ? 0.644   1.919   -3.174  1.00 21.10 ? 5   ILE A CD1 1 
ATOM   51  N  N   . ASP A 1 7  ? 1.517   5.743   -7.867  1.00 20.48 ? 6   ASP A N   1 
ATOM   52  C  CA  . ASP A 1 7  ? 0.996   6.367   -9.041  1.00 24.33 ? 6   ASP A CA  1 
ATOM   53  C  C   . ASP A 1 7  ? 0.093   5.537   -9.822  1.00 25.36 ? 6   ASP A C   1 
ATOM   54  O  O   . ASP A 1 7  ? -0.783  6.045   -10.422 1.00 30.75 ? 6   ASP A O   1 
ATOM   55  C  CB  . ASP A 1 7  ? 2.187   6.804   -9.884  1.00 27.93 ? 6   ASP A CB  1 
ATOM   56  C  CG  . ASP A 1 7  ? 1.880   7.915   -10.720 1.00 41.68 ? 6   ASP A CG  1 
ATOM   57  O  OD1 . ASP A 1 7  ? 1.071   8.842   -10.198 1.00 38.25 ? 6   ASP A OD1 1 
ATOM   58  O  OD2 . ASP A 1 7  ? 2.383   7.927   -11.902 1.00 47.90 ? 6   ASP A OD2 1 
ATOM   59  N  N   . ASP A 1 8  ? 0.234   4.177   -9.760  1.00 23.99 ? 7   ASP A N   1 
ATOM   60  C  CA  . ASP A 1 8  ? -0.625  3.237   -10.509 1.00 29.18 ? 7   ASP A CA  1 
ATOM   61  C  C   . ASP A 1 8  ? -1.903  2.925   -9.838  1.00 27.21 ? 7   ASP A C   1 
ATOM   62  O  O   . ASP A 1 8  ? -2.637  2.057   -10.265 1.00 29.98 ? 7   ASP A O   1 
ATOM   63  C  CB  . ASP A 1 8  ? 0.123   1.920   -10.786 1.00 28.68 ? 7   ASP A CB  1 
ATOM   64  C  CG  . ASP A 1 8  ? 1.324   2.089   -11.780 1.00 33.83 ? 7   ASP A CG  1 
ATOM   65  O  OD1 . ASP A 1 8  ? 1.082   2.508   -12.874 1.00 42.97 ? 7   ASP A OD1 1 
ATOM   66  O  OD2 . ASP A 1 8  ? 2.539   1.878   -11.340 1.00 32.76 ? 7   ASP A OD2 1 
ATOM   67  N  N   . MET A 1 9  ? -2.165  3.573   -8.717  1.00 25.09 ? 8   MET A N   1 
ATOM   68  C  CA  . MET A 1 9  ? -3.380  3.248   -7.912  1.00 29.42 ? 8   MET A CA  1 
ATOM   69  C  C   . MET A 1 9  ? -4.497  4.217   -8.403  1.00 36.01 ? 8   MET A C   1 
ATOM   70  O  O   . MET A 1 9  ? -4.843  5.293   -7.716  1.00 41.29 ? 8   MET A O   1 
ATOM   71  C  CB  . MET A 1 9  ? -3.040  3.400   -6.418  1.00 25.59 ? 8   MET A CB  1 
ATOM   72  C  CG  . MET A 1 9  ? -4.158  2.943   -5.497  1.00 29.67 ? 8   MET A CG  1 
ATOM   73  S  SD  . MET A 1 9  ? -3.794  3.083   -3.767  1.00 25.09 ? 8   MET A SD  1 
ATOM   74  C  CE  . MET A 1 9  ? -3.808  4.857   -3.510  1.00 25.83 ? 8   MET A CE  1 
ATOM   75  N  N   . THR A 1 10 ? -5.029  3.903   -9.548  1.00 35.60 ? 9   THR A N   1 
ATOM   76  C  CA  . THR A 1 10 ? -6.078  4.685   -10.133 1.00 40.32 ? 9   THR A CA  1 
ATOM   77  C  C   . THR A 1 10 ? -7.246  3.816   -10.783 1.00 40.78 ? 9   THR A C   1 
ATOM   78  O  O   . THR A 1 10 ? -8.361  4.248   -10.835 1.00 47.47 ? 9   THR A O   1 
ATOM   79  C  CB  . THR A 1 10 ? -5.499  5.628   -11.202 1.00 36.44 ? 9   THR A CB  1 
ATOM   80  O  OG1 . THR A 1 10 ? -4.933  4.834   -12.302 1.00 37.81 ? 9   THR A OG1 1 
ATOM   81  C  CG2 . THR A 1 10 ? -4.390  6.561   -10.580 1.00 38.65 ? 9   THR A CG2 1 
ATOM   82  N  N   . CYS A 1 11 ? -6.911  2.649   -11.304 1.00 40.87 ? 10  CYS A N   1 
ATOM   83  C  CA  . CYS A 1 11 ? -7.898  1.796   -12.045 1.00 45.92 ? 10  CYS A CA  1 
ATOM   84  C  C   . CYS A 1 11 ? -9.002  1.233   -11.094 1.00 49.34 ? 10  CYS A C   1 
ATOM   85  O  O   . CYS A 1 11 ? -8.863  1.242   -9.885  1.00 37.81 ? 10  CYS A O   1 
ATOM   86  C  CB  . CYS A 1 11 ? -7.155  0.642   -12.678 1.00 55.58 ? 10  CYS A CB  1 
ATOM   87  S  SG  . CYS A 1 11 ? -5.464  0.368   -11.894 0.50 62.70 ? 10  CYS A SG  1 
ATOM   88  N  N   . GLY A 1 12 ? -10.039 0.691   -11.683 1.00 45.85 ? 11  GLY A N   1 
ATOM   89  C  CA  . GLY A 1 12 ? -11.075 0.059   -10.945 1.00 44.39 ? 11  GLY A CA  1 
ATOM   90  C  C   . GLY A 1 12 ? -10.548 -1.094  -10.135 1.00 38.29 ? 11  GLY A C   1 
ATOM   91  O  O   . GLY A 1 12 ? -9.902  -2.076  -10.673 1.00 42.19 ? 11  GLY A O   1 
ATOM   92  N  N   . GLY A 1 13 ? -10.772 -1.005  -8.849  1.00 40.10 ? 12  GLY A N   1 
ATOM   93  C  CA  . GLY A 1 13 ? -10.452 -2.061  -7.936  1.00 33.44 ? 12  GLY A CA  1 
ATOM   94  C  C   . GLY A 1 13 ? -8.983  -1.994  -7.388  1.00 32.84 ? 12  GLY A C   1 
ATOM   95  O  O   . GLY A 1 13 ? -8.514  -2.933  -6.638  1.00 30.01 ? 12  GLY A O   1 
ATOM   96  N  N   . CYS A 1 14 ? -8.224  -0.969  -7.846  1.00 27.03 ? 13  CYS A N   1 
ATOM   97  C  CA  . CYS A 1 14 ? -6.745  -0.910  -7.544  1.00 27.30 ? 13  CYS A CA  1 
ATOM   98  C  C   . CYS A 1 14 ? -6.491  -0.596  -6.086  1.00 24.40 ? 13  CYS A C   1 
ATOM   99  O  O   . CYS A 1 14 ? -5.686  -1.307  -5.412  1.00 21.86 ? 13  CYS A O   1 
ATOM   100 C  CB  . CYS A 1 14 ? -6.013  0.100   -8.576  1.00 36.47 ? 13  CYS A CB  1 
ATOM   101 S  SG  . CYS A 1 14 ? -5.837  -0.964  -10.208 0.80 44.49 ? 13  CYS A SG  1 
ATOM   102 N  N   . ALA A 1 15 ? -7.232  0.321   -5.507  1.00 22.40 ? 14  ALA A N   1 
ATOM   103 C  CA  . ALA A 1 15 ? -7.043  0.675   -4.068  1.00 21.84 ? 14  ALA A CA  1 
ATOM   104 C  C   . ALA A 1 15 ? -7.412  -0.571  -3.208  1.00 19.77 ? 14  ALA A C   1 
ATOM   105 O  O   . ALA A 1 15 ? -6.679  -0.880  -2.245  1.00 16.96 ? 14  ALA A O   1 
ATOM   106 C  CB  . ALA A 1 15 ? -7.819  1.723   -3.733  1.00 26.06 ? 14  ALA A CB  1 
ATOM   107 N  N   . SER A 1 16 ? -8.474  -1.267  -3.557  1.00 19.94 ? 15  SER A N   1 
ATOM   108 C  CA  . SER A 1 16 ? -8.805  -2.542  -2.862  1.00 19.08 ? 15  SER A CA  1 
ATOM   109 C  C   . SER A 1 16 ? -7.724  -3.467  -2.951  1.00 19.51 ? 15  SER A C   1 
ATOM   110 O  O   . SER A 1 16 ? -7.355  -4.127  -1.938  1.00 17.79 ? 15  SER A O   1 
ATOM   111 C  CB  . SER A 1 16 ? -10.106 -3.126  -3.468  1.00 21.54 ? 15  SER A CB  1 
ATOM   112 O  OG  . SER A 1 16 ? -10.340 -4.395  -2.844  1.00 26.66 ? 15  SER A OG  1 
ATOM   113 N  N   . THR A 1 17 ? -7.052  -3.653  -4.148  1.00 19.03 ? 16  THR A N   1 
ATOM   114 C  CA  . THR A 1 17 ? -6.046  -4.652  -4.297  1.00 19.19 ? 16  THR A CA  1 
ATOM   115 C  C   . THR A 1 17 ? -4.807  -4.296  -3.455  1.00 17.53 ? 16  THR A C   1 
ATOM   116 O  O   . THR A 1 17 ? -4.213  -5.151  -2.786  1.00 17.66 ? 16  THR A O   1 
ATOM   117 C  CB  . THR A 1 17 ? -5.607  -4.830  -5.785  1.00 22.16 ? 16  THR A CB  1 
ATOM   118 O  OG1 . THR A 1 17 ? -6.770  -5.294  -6.517  1.00 27.15 ? 16  THR A OG1 1 
ATOM   119 C  CG2 . THR A 1 17 ? -4.625  -5.819  -5.872  1.00 25.82 ? 16  THR A CG2 1 
ATOM   120 N  N   . VAL A 1 18 ? -4.489  -3.004  -3.428  1.00 15.94 ? 17  VAL A N   1 
ATOM   121 C  CA  . VAL A 1 18 ? -3.396  -2.454  -2.533  1.00 15.92 ? 17  VAL A CA  1 
ATOM   122 C  C   . VAL A 1 18 ? -3.656  -2.834  -1.086  1.00 14.81 ? 17  VAL A C   1 
ATOM   123 O  O   . VAL A 1 18 ? -2.797  -3.337  -0.383  1.00 14.22 ? 17  VAL A O   1 
ATOM   124 C  CB  . VAL A 1 18 ? -3.171  -0.987  -2.698  1.00 14.43 ? 17  VAL A CB  1 
ATOM   125 C  CG1 . VAL A 1 18 ? -2.345  -0.345  -1.667  1.00 15.10 ? 17  VAL A CG1 1 
ATOM   126 C  CG2 . VAL A 1 18 ? -2.559  -0.655  -4.147  1.00 16.51 ? 17  VAL A CG2 1 
ATOM   127 N  N   . LYS A 1 19 ? -4.867  -2.492  -0.614  1.00 14.15 ? 18  LYS A N   1 
ATOM   128 C  CA  A LYS A 1 19 ? -5.189  -2.784  0.842   0.50 13.92 ? 18  LYS A CA  1 
ATOM   129 C  CA  B LYS A 1 19 ? -5.180  -2.738  0.812   0.50 14.82 ? 18  LYS A CA  1 
ATOM   130 C  C   . LYS A 1 19 ? -5.170  -4.270  1.133   1.00 14.57 ? 18  LYS A C   1 
ATOM   131 O  O   . LYS A 1 19 ? -4.614  -4.676  2.150   1.00 14.30 ? 18  LYS A O   1 
ATOM   132 C  CB  A LYS A 1 19 ? -6.499  -2.181  1.156   0.50 15.71 ? 18  LYS A CB  1 
ATOM   133 C  CB  B LYS A 1 19 ? -6.516  -2.065  1.148   0.50 17.12 ? 18  LYS A CB  1 
ATOM   134 C  CG  A LYS A 1 19 ? -6.450  -0.729  1.115   0.50 15.71 ? 18  LYS A CG  1 
ATOM   135 C  CG  B LYS A 1 19 ? -6.865  -2.127  2.632   0.50 18.39 ? 18  LYS A CG  1 
ATOM   136 C  CD  A LYS A 1 19 ? -7.682  -0.056  1.380   0.50 18.04 ? 18  LYS A CD  1 
ATOM   137 C  CD  B LYS A 1 19 ? -7.686  -0.921  3.105   0.50 22.27 ? 18  LYS A CD  1 
ATOM   138 C  CE  A LYS A 1 19 ? -8.562  0.198   0.174   0.50 16.84 ? 18  LYS A CE  1 
ATOM   139 C  CE  B LYS A 1 19 ? -8.186  -1.157  4.424   0.50 25.14 ? 18  LYS A CE  1 
ATOM   140 N  NZ  A LYS A 1 19 ? -9.438  1.209   0.313   0.50 12.44 ? 18  LYS A NZ  1 
ATOM   141 N  NZ  B LYS A 1 19 ? -8.558  0.103   5.322   0.50 27.66 ? 18  LYS A NZ  1 
ATOM   142 N  N   . LYS A 1 20 ? -5.765  -5.084  0.243   1.00 14.11 ? 19  LYS A N   1 
ATOM   143 C  CA  . LYS A 1 20 ? -5.791  -6.462  0.428   1.00 16.38 ? 19  LYS A CA  1 
ATOM   144 C  C   . LYS A 1 20 ? -4.430  -7.097  0.435   1.00 15.58 ? 19  LYS A C   1 
ATOM   145 O  O   . LYS A 1 20 ? -4.088  -7.975  1.226   1.00 16.40 ? 19  LYS A O   1 
ATOM   146 C  CB  . LYS A 1 20 ? -6.682  -7.168  -0.577  1.00 16.85 ? 19  LYS A CB  1 
ATOM   147 C  CG  . LYS A 1 20 ? -8.135  -6.902  -0.344  1.00 19.31 ? 19  LYS A CG  1 
ATOM   148 C  CD  . LYS A 1 20 ? -9.027  -7.674  -1.334  1.00 24.64 ? 19  LYS A CD  1 
ATOM   149 C  CE  . LYS A 1 20 ? -10.435 -7.449  -1.092  1.00 28.68 ? 19  LYS A CE  1 
ATOM   150 N  NZ  . LYS A 1 20 ? -11.177 -8.331  -2.132  1.00 33.14 ? 19  LYS A NZ  1 
ATOM   151 N  N   . THR A 1 21 ? -3.522  -6.582  -0.441  1.00 15.34 ? 20  THR A N   1 
ATOM   152 C  CA  . THR A 1 21 ? -2.172  -7.065  -0.511  1.00 16.32 ? 20  THR A CA  1 
ATOM   153 C  C   . THR A 1 21 ? -1.478  -6.846  0.880   1.00 15.24 ? 20  THR A C   1 
ATOM   154 O  O   . THR A 1 21 ? -0.784  -7.706  1.367   1.00 16.44 ? 20  THR A O   1 
ATOM   155 C  CB  . THR A 1 21 ? -1.410  -6.290  -1.612  1.00 16.97 ? 20  THR A CB  1 
ATOM   156 O  OG1 . THR A 1 21 ? -1.954  -6.649  -2.877  1.00 20.58 ? 20  THR A OG1 1 
ATOM   157 C  CG2 . THR A 1 21 ? 0.097   -6.646  -1.596  1.00 18.55 ? 20  THR A CG2 1 
ATOM   158 N  N   . ILE A 1 22 ? -1.638  -5.633  1.444   1.00 15.49 ? 21  ILE A N   1 
ATOM   159 C  CA  . ILE A 1 22 ? -0.953  -5.315  2.669   1.00 15.66 ? 21  ILE A CA  1 
ATOM   160 C  C   . ILE A 1 22 ? -1.527  -6.169  3.825   1.00 14.56 ? 21  ILE A C   1 
ATOM   161 O  O   . ILE A 1 22 ? -0.828  -6.682  4.623   1.00 15.50 ? 21  ILE A O   1 
ATOM   162 C  CB  . ILE A 1 22 ? -1.034  -3.831  2.954   1.00 14.55 ? 21  ILE A CB  1 
ATOM   163 C  CG1 . ILE A 1 22 ? -0.218  -3.004  1.857   1.00 17.64 ? 21  ILE A CG1 1 
ATOM   164 C  CG2 . ILE A 1 22 ? -0.578  -3.535  4.399   1.00 17.28 ? 21  ILE A CG2 1 
ATOM   165 C  CD1 . ILE A 1 22 ? -0.387  -1.540  2.027   1.00 19.82 ? 21  ILE A CD1 1 
ATOM   166 N  N   . LEU A 1 23 ? -2.853  -6.282  3.861   1.00 13.71 ? 22  LEU A N   1 
ATOM   167 C  CA  . LEU A 1 23 ? -3.516  -7.079  4.943   1.00 14.05 ? 22  LEU A CA  1 
ATOM   168 C  C   . LEU A 1 23 ? -3.177  -8.559  4.836   1.00 16.32 ? 22  LEU A C   1 
ATOM   169 O  O   . LEU A 1 23 ? -3.108  -9.237  5.862   1.00 19.57 ? 22  LEU A O   1 
ATOM   170 C  CB  . LEU A 1 23 ? -5.000  -6.841  4.862   1.00 15.42 ? 22  LEU A CB  1 
ATOM   171 C  CG  . LEU A 1 23 ? -5.498  -5.546  5.296   1.00 14.81 ? 22  LEU A CG  1 
ATOM   172 C  CD1 . LEU A 1 23 ? -6.974  -5.276  5.004   1.00 16.63 ? 22  LEU A CD1 1 
ATOM   173 C  CD2 . LEU A 1 23 ? -5.225  -5.219  6.779   1.00 17.15 ? 22  LEU A CD2 1 
ATOM   174 N  N   . THR A 1 24 ? -2.912  -9.071  3.626   1.00 17.32 ? 23  THR A N   1 
ATOM   175 C  CA  . THR A 1 24 ? -2.491  -10.414 3.487   1.00 19.74 ? 23  THR A CA  1 
ATOM   176 C  C   . THR A 1 24 ? -1.072  -10.604 4.024   1.00 17.57 ? 23  THR A C   1 
ATOM   177 O  O   . THR A 1 24 ? -0.741  -11.628 4.679   1.00 22.34 ? 23  THR A O   1 
ATOM   178 C  CB  . THR A 1 24 ? -2.555  -10.845 2.017   1.00 23.97 ? 23  THR A CB  1 
ATOM   179 O  OG1 . THR A 1 24 ? -3.880  -10.788 1.574   1.00 25.06 ? 23  THR A OG1 1 
ATOM   180 C  CG2 . THR A 1 24 ? -2.041  -12.370 1.886   1.00 26.51 ? 23  THR A CG2 1 
ATOM   181 N  N   . LEU A 1 25 ? -0.220  -9.637  3.803   1.00 17.01 ? 24  LEU A N   1 
ATOM   182 C  CA  . LEU A 1 25 ? 1.149   -9.702  4.342   1.00 18.34 ? 24  LEU A CA  1 
ATOM   183 C  C   . LEU A 1 25 ? 1.110   -9.542  5.887   1.00 18.60 ? 24  LEU A C   1 
ATOM   184 O  O   . LEU A 1 25 ? 1.896   -10.157 6.593   1.00 21.41 ? 24  LEU A O   1 
ATOM   185 C  CB  . LEU A 1 25 ? 1.984   -8.614  3.722   1.00 21.06 ? 24  LEU A CB  1 
ATOM   186 C  CG  . LEU A 1 25 ? 3.460   -8.622  4.061   1.00 24.79 ? 24  LEU A CG  1 
ATOM   187 C  CD1 . LEU A 1 25 ? 4.108   -9.772  3.459   1.00 27.37 ? 24  LEU A CD1 1 
ATOM   188 C  CD2 . LEU A 1 25 ? 4.156   -7.318  3.580   1.00 23.39 ? 24  LEU A CD2 1 
ATOM   189 N  N   . ASP A 1 26 ? 0.278   -8.645  6.405   1.00 18.95 ? 25  ASP A N   1 
ATOM   190 C  CA  . ASP A 1 26 ? 0.235   -8.379  7.888   1.00 16.94 ? 25  ASP A CA  1 
ATOM   191 C  C   . ASP A 1 26 ? -1.263  -8.112  8.225   1.00 17.51 ? 25  ASP A C   1 
ATOM   192 O  O   . ASP A 1 26 ? -1.757  -7.023  8.063   1.00 16.92 ? 25  ASP A O   1 
ATOM   193 C  CB  . ASP A 1 26 ? 1.046   -7.151  8.243   1.00 18.93 ? 25  ASP A CB  1 
ATOM   194 C  CG  . ASP A 1 26 ? 0.990   -6.796  9.754   1.00 22.19 ? 25  ASP A CG  1 
ATOM   195 O  OD1 . ASP A 1 26 ? 0.299   -7.601  10.530  1.00 23.04 ? 25  ASP A OD1 1 
ATOM   196 O  OD2 . ASP A 1 26 ? 1.490   -5.702  10.185  1.00 23.42 ? 25  ASP A OD2 1 
ATOM   197 N  N   . ALA A 1 27 ? -1.885  -9.135  8.772   1.00 18.67 ? 26  ALA A N   1 
ATOM   198 C  CA  . ALA A 1 27 ? -3.300  -9.019  9.058   1.00 18.40 ? 26  ALA A CA  1 
ATOM   199 C  C   . ALA A 1 27 ? -3.595  -8.042  10.164  1.00 19.16 ? 26  ALA A C   1 
ATOM   200 O  O   . ALA A 1 27 ? -4.793  -7.638  10.296  1.00 20.04 ? 26  ALA A O   1 
ATOM   201 C  CB  . ALA A 1 27 ? -3.878  -10.379 9.456   1.00 21.20 ? 26  ALA A CB  1 
ATOM   202 N  N   . ASN A 1 28 ? -2.610  -7.636  10.938  1.00 18.11 ? 27  ASN A N   1 
ATOM   203 C  CA  . ASN A 1 28 ? -2.806  -6.634  11.983  1.00 18.44 ? 27  ASN A CA  1 
ATOM   204 C  C   . ASN A 1 28 ? -2.466  -5.214  11.566  1.00 19.09 ? 27  ASN A C   1 
ATOM   205 O  O   . ASN A 1 28 ? -2.498  -4.280  12.367  1.00 20.39 ? 27  ASN A O   1 
ATOM   206 C  CB  . ASN A 1 28 ? -2.051  -7.015  13.213  1.00 21.15 ? 27  ASN A CB  1 
ATOM   207 C  CG  . ASN A 1 28 ? -2.566  -8.212  13.819  1.00 26.09 ? 27  ASN A CG  1 
ATOM   208 O  OD1 . ASN A 1 28 ? -3.786  -8.297  14.042  1.00 30.12 ? 27  ASN A OD1 1 
ATOM   209 N  ND2 . ASN A 1 28 ? -1.753  -9.281  13.836  1.00 25.94 ? 27  ASN A ND2 1 
ATOM   210 N  N   . ALA A 1 29 ? -2.074  -5.032  10.264  1.00 17.95 ? 28  ALA A N   1 
ATOM   211 C  CA  . ALA A 1 29 ? -1.746  -3.705  9.838   1.00 18.11 ? 28  ALA A CA  1 
ATOM   212 C  C   . ALA A 1 29 ? -2.944  -2.758  9.731   1.00 17.13 ? 28  ALA A C   1 
ATOM   213 O  O   . ALA A 1 29 ? -4.150  -3.272  9.617   1.00 22.12 ? 28  ALA A O   1 
ATOM   214 C  CB  . ALA A 1 29 ? -1.089  -3.778  8.471   1.00 19.63 ? 28  ALA A CB  1 
ATOM   215 N  N   . THR A 1 30 ? -2.762  -1.509  9.776   1.00 17.45 ? 29  THR A N   1 
ATOM   216 C  CA  . THR A 1 30 ? -3.804  -0.526  9.548   1.00 19.76 ? 29  THR A CA  1 
ATOM   217 C  C   . THR A 1 30 ? -3.409  0.147   8.211   1.00 21.41 ? 29  THR A C   1 
ATOM   218 O  O   . THR A 1 30 ? -2.217  0.436   7.992   1.00 25.83 ? 29  THR A O   1 
ATOM   219 C  CB  . THR A 1 30 ? -3.777  0.535   10.618  1.00 25.79 ? 29  THR A CB  1 
ATOM   220 O  OG1 . THR A 1 30 ? -4.167  -0.090  11.851  1.00 34.09 ? 29  THR A OG1 1 
ATOM   221 C  CG2 . THR A 1 30 ? -4.796  1.726   10.308  1.00 30.19 ? 29  THR A CG2 1 
ATOM   222 N  N   . VAL A 1 31 ? -4.304  0.297   7.298   1.00 21.05 ? 30  VAL A N   1 
ATOM   223 C  CA  . VAL A 1 31 ? -3.977  0.785   5.891   1.00 17.87 ? 30  VAL A CA  1 
ATOM   224 C  C   . VAL A 1 31 ? -5.021  1.754   5.474   1.00 22.48 ? 30  VAL A C   1 
ATOM   225 O  O   . VAL A 1 31 ? -6.256  1.406   5.562   1.00 31.03 ? 30  VAL A O   1 
ATOM   226 C  CB  . VAL A 1 31 ? -3.929  -0.290  4.976   1.00 19.54 ? 30  VAL A CB  1 
ATOM   227 C  CG1 . VAL A 1 31 ? -3.371  0.203   3.525   1.00 22.80 ? 30  VAL A CG1 1 
ATOM   228 C  CG2 . VAL A 1 31 ? -3.068  -1.322  5.448   1.00 24.99 ? 30  VAL A CG2 1 
ATOM   229 N  N   . ARG A 1 32 ? -4.634  2.881   5.027   1.00 21.85 ? 31  ARG A N   1 
ATOM   230 C  CA  . ARG A 1 32 ? -5.625  3.969   4.555   1.00 26.35 ? 31  ARG A CA  1 
ATOM   231 C  C   . ARG A 1 32 ? -5.175  4.195   3.115   1.00 22.98 ? 31  ARG A C   1 
ATOM   232 O  O   . ARG A 1 32 ? -3.930  4.334   2.885   1.00 22.39 ? 31  ARG A O   1 
ATOM   233 C  CB  . ARG A 1 32 ? -5.437  5.236   5.239   1.00 31.59 ? 31  ARG A CB  1 
ATOM   234 C  CG  . ARG A 1 32 ? -5.472  5.235   6.703   1.00 49.22 ? 31  ARG A CG  1 
ATOM   235 C  CD  . ARG A 1 32 ? -6.843  5.534   7.196   1.00 56.85 ? 31  ARG A CD  1 
ATOM   236 N  NE  . ARG A 1 32 ? -7.001  5.417   8.699   1.00 67.54 ? 31  ARG A NE  1 
ATOM   237 C  CZ  . ARG A 1 32 ? -7.183  4.248   9.356   1.00 60.26 ? 31  ARG A CZ  1 
ATOM   238 N  NH1 . ARG A 1 32 ? -7.359  4.254   10.689  1.00 58.58 ? 31  ARG A NH1 1 
ATOM   239 N  NH2 . ARG A 1 32 ? -7.217  3.046   8.658   1.00 56.62 ? 31  ARG A NH2 1 
ATOM   240 N  N   . THR A 1 33 ? -6.073  4.247   2.176   1.00 17.88 ? 32  THR A N   1 
ATOM   241 C  CA  . THR A 1 33 ? -5.796  4.680   0.834   1.00 16.32 ? 32  THR A CA  1 
ATOM   242 C  C   . THR A 1 33 ? -6.648  5.886   0.484   1.00 20.30 ? 32  THR A C   1 
ATOM   243 O  O   . THR A 1 33 ? -7.806  6.044   0.968   1.00 21.64 ? 32  THR A O   1 
ATOM   244 C  CB  . THR A 1 33 ? -6.047  3.598   -0.215  1.00 19.63 ? 32  THR A CB  1 
ATOM   245 O  OG1 . THR A 1 33 ? -7.450  3.221   -0.224  1.00 23.92 ? 32  THR A OG1 1 
ATOM   246 C  CG2 . THR A 1 33 ? -5.216  2.354   0.030   1.00 21.29 ? 32  THR A CG2 1 
ATOM   247 N  N   . ASP A 1 34 ? -6.062  6.818   -0.298  1.00 17.90 ? 33  ASP A N   1 
ATOM   248 C  CA  . ASP A 1 34 ? -6.825  8.060   -0.733  1.00 18.90 ? 33  ASP A CA  1 
ATOM   249 C  C   . ASP A 1 34 ? -6.779  8.183   -2.187  1.00 18.50 ? 33  ASP A C   1 
ATOM   250 O  O   . ASP A 1 34 ? -5.698  8.445   -2.739  1.00 19.19 ? 33  ASP A O   1 
ATOM   251 C  CB  . ASP A 1 34 ? -6.202  9.287   -0.040  1.00 18.69 ? 33  ASP A CB  1 
ATOM   252 C  CG  . ASP A 1 34 ? -7.016  10.590  -0.284  1.00 20.95 ? 33  ASP A CG  1 
ATOM   253 O  OD1 . ASP A 1 34 ? -7.875  10.590  -1.188  1.00 24.32 ? 33  ASP A OD1 1 
ATOM   254 O  OD2 . ASP A 1 34 ? -6.896  11.491  0.552   1.00 25.61 ? 33  ASP A OD2 1 
ATOM   255 N  N   . PRO A 1 35 ? -7.883  8.057   -2.901  1.00 19.41 ? 34  PRO A N   1 
ATOM   256 C  CA  . PRO A 1 35 ? -7.762  8.119   -4.349  1.00 20.81 ? 34  PRO A CA  1 
ATOM   257 C  C   . PRO A 1 35 ? -7.431  9.495   -4.889  1.00 18.75 ? 34  PRO A C   1 
ATOM   258 O  O   . PRO A 1 35 ? -6.876  9.561   -5.999  1.00 21.95 ? 34  PRO A O   1 
ATOM   259 C  CB  . PRO A 1 35 ? -9.173  7.728   -4.861  1.00 24.14 ? 34  PRO A CB  1 
ATOM   260 C  CG  . PRO A 1 35 ? -10.040 7.761   -3.727  1.00 26.16 ? 34  PRO A CG  1 
ATOM   261 C  CD  . PRO A 1 35 ? -9.245  7.670   -2.470  1.00 24.56 ? 34  PRO A CD  1 
ATOM   262 N  N   . ALA A 1 36 ? -7.716  10.529  -4.126  1.00 17.35 ? 35  ALA A N   1 
ATOM   263 C  CA  . ALA A 1 36 ? -7.412  11.886  -4.598  1.00 17.29 ? 35  ALA A CA  1 
ATOM   264 C  C   . ALA A 1 36 ? -5.917  12.169  -4.629  1.00 15.53 ? 35  ALA A C   1 
ATOM   265 O  O   . ALA A 1 36 ? -5.434  12.891  -5.489  1.00 18.10 ? 35  ALA A O   1 
ATOM   266 C  CB  . ALA A 1 36 ? -8.109  12.921  -3.734  1.00 16.49 ? 35  ALA A CB  1 
ATOM   267 N  N   . THR A 1 37 ? -5.156  11.552  -3.701  1.00 14.30 ? 36  THR A N   1 
ATOM   268 C  CA  . THR A 1 37 ? -3.738  11.872  -3.496  1.00 12.73 ? 36  THR A CA  1 
ATOM   269 C  C   . THR A 1 37 ? -2.846  10.677  -3.905  1.00 12.87 ? 36  THR A C   1 
ATOM   270 O  O   . THR A 1 37 ? -1.607  10.856  -3.983  1.00 13.32 ? 36  THR A O   1 
ATOM   271 C  CB  . THR A 1 37 ? -3.420  12.245  -2.140  1.00 14.46 ? 36  THR A CB  1 
ATOM   272 O  OG1 . THR A 1 37 ? -3.798  11.175  -1.251  1.00 15.74 ? 36  THR A OG1 1 
ATOM   273 C  CG2 . THR A 1 37 ? -4.123  13.552  -1.662  1.00 15.75 ? 36  THR A CG2 1 
ATOM   274 N  N   . ARG A 1 38 ? -3.480  9.519   -4.140  1.00 13.81 ? 37  ARG A N   1 
ATOM   275 C  CA  . ARG A 1 38 ? -2.747  8.253   -4.424  1.00 15.11 ? 37  ARG A CA  1 
ATOM   276 C  C   . ARG A 1 38 ? -1.802  7.948   -3.327  1.00 13.52 ? 37  ARG A C   1 
ATOM   277 O  O   . ARG A 1 38 ? -0.799  7.202   -3.546  1.00 16.73 ? 37  ARG A O   1 
ATOM   278 C  CB  . ARG A 1 38 ? -2.012  8.342   -5.809  1.00 16.70 ? 37  ARG A CB  1 
ATOM   279 C  CG  . ARG A 1 38 ? -2.960  8.721   -6.902  1.00 19.35 ? 37  ARG A CG  1 
ATOM   280 C  CD  . ARG A 1 38 ? -2.300  8.850   -8.220  1.00 21.58 ? 37  ARG A CD  1 
ATOM   281 N  NE  . ARG A 1 38 ? -3.255  9.466   -9.166  1.00 23.82 ? 37  ARG A NE  1 
ATOM   282 C  CZ  . ARG A 1 38 ? -3.037  9.538   -10.454 1.00 29.50 ? 37  ARG A CZ  1 
ATOM   283 N  NH1 . ARG A 1 38 ? -1.891  9.061   -10.961 1.00 28.32 ? 37  ARG A NH1 1 
ATOM   284 N  NH2 . ARG A 1 38 ? -3.952  10.124  -11.245 1.00 31.28 ? 37  ARG A NH2 1 
ATOM   285 N  N   . LEU A 1 39 ? -2.065  8.401   -2.092  1.00 13.21 ? 38  LEU A N   1 
ATOM   286 C  CA  . LEU A 1 39 ? -1.306  8.106   -0.889  1.00 14.44 ? 38  LEU A CA  1 
ATOM   287 C  C   . LEU A 1 39 ? -1.864  6.877   -0.164  1.00 16.19 ? 38  LEU A C   1 
ATOM   288 O  O   . LEU A 1 39 ? -3.085  6.714   -0.047  1.00 16.77 ? 38  LEU A O   1 
ATOM   289 C  CB  . LEU A 1 39 ? -1.211  9.219   0.012   1.00 14.78 ? 38  LEU A CB  1 
ATOM   290 C  CG  . LEU A 1 39 ? -0.409  10.464  -0.517  1.00 14.89 ? 38  LEU A CG  1 
ATOM   291 C  CD1 . LEU A 1 39 ? -0.505  11.668  0.382   1.00 16.91 ? 38  LEU A CD1 1 
ATOM   292 C  CD2 . LEU A 1 39 ? 1.059   10.100  -0.731  1.00 16.13 ? 38  LEU A CD2 1 
ATOM   293 N  N   . VAL A 1 40 ? -0.956  6.100   0.412   1.00 16.26 ? 39  VAL A N   1 
ATOM   294 C  CA  . VAL A 1 40 ? -1.296  4.870   1.196   1.00 16.03 ? 39  VAL A CA  1 
ATOM   295 C  C   . VAL A 1 40 ? -0.538  5.053   2.487   1.00 17.41 ? 39  VAL A C   1 
ATOM   296 O  O   . VAL A 1 40 ? 0.715   5.212   2.535   1.00 17.44 ? 39  VAL A O   1 
ATOM   297 C  CB  . VAL A 1 40 ? -0.892  3.651   0.481   1.00 18.28 ? 39  VAL A CB  1 
ATOM   298 C  CG1 . VAL A 1 40 ? -1.256  2.373   1.330   1.00 19.10 ? 39  VAL A CG1 1 
ATOM   299 C  CG2 . VAL A 1 40 ? -1.541  3.548   -0.818  1.00 22.06 ? 39  VAL A CG2 1 
ATOM   300 N  N   . ASP A 1 41 ? -1.253  5.085   3.628   1.00 18.33 ? 40  ASP A N   1 
ATOM   301 C  CA  . ASP A 1 41 ? -0.694  5.244   4.934   1.00 18.75 ? 40  ASP A CA  1 
ATOM   302 C  C   . ASP A 1 41 ? -0.794  3.844   5.652   1.00 17.51 ? 40  ASP A C   1 
ATOM   303 O  O   . ASP A 1 41 ? -1.801  3.181   5.562   1.00 18.38 ? 40  ASP A O   1 
ATOM   304 C  CB  . ASP A 1 41 ? -1.481  6.302   5.778   1.00 23.29 ? 40  ASP A CB  1 
ATOM   305 C  CG  . ASP A 1 41 ? -1.316  7.599   5.240   1.00 35.87 ? 40  ASP A CG  1 
ATOM   306 O  OD1 . ASP A 1 41 ? -0.168  8.137   5.445   1.00 40.88 ? 40  ASP A OD1 1 
ATOM   307 O  OD2 . ASP A 1 41 ? -2.259  8.129   4.392   1.00 48.01 ? 40  ASP A OD2 1 
ATOM   308 N  N   . VAL A 1 42 ? 0.304   3.375   6.226   1.00 16.42 ? 41  VAL A N   1 
ATOM   309 C  CA  . VAL A 1 42 ? 0.361   2.044   6.816   1.00 15.34 ? 41  VAL A CA  1 
ATOM   310 C  C   . VAL A 1 42 ? 0.919   2.095   8.178   1.00 15.10 ? 41  VAL A C   1 
ATOM   311 O  O   . VAL A 1 42 ? 2.020   2.650   8.419   1.00 18.54 ? 41  VAL A O   1 
ATOM   312 C  CB  . VAL A 1 42 ? 1.235   1.070   5.955   1.00 16.62 ? 41  VAL A CB  1 
ATOM   313 C  CG1 . VAL A 1 42 ? 1.154   -0.322  6.490   1.00 17.57 ? 41  VAL A CG1 1 
ATOM   314 C  CG2 . VAL A 1 42 ? 0.810   1.081   4.475   1.00 18.17 ? 41  VAL A CG2 1 
ATOM   315 N  N   . GLU A 1 43 ? 0.246   1.422   9.146   1.00 17.41 ? 42  GLU A N   1 
ATOM   316 C  CA  . GLU A 1 43 ? 0.812   1.144   10.445  1.00 18.80 ? 42  GLU A CA  1 
ATOM   317 C  C   . GLU A 1 43 ? 1.017   -0.289  10.548  1.00 18.19 ? 42  GLU A C   1 
ATOM   318 O  O   . GLU A 1 43 ? 0.131   -1.083  10.410  1.00 17.39 ? 42  GLU A O   1 
ATOM   319 C  CB  . GLU A 1 43 ? -0.150  1.602   11.537  1.00 24.30 ? 42  GLU A CB  1 
ATOM   320 C  CG  . GLU A 1 43 ? -0.482  3.068   11.463  1.00 37.59 ? 42  GLU A CG  1 
ATOM   321 C  CD  . GLU A 1 43 ? 0.314   3.912   12.435  1.00 57.19 ? 42  GLU A CD  1 
ATOM   322 O  OE1 . GLU A 1 43 ? 1.077   3.306   13.320  1.00 78.38 ? 42  GLU A OE1 1 
ATOM   323 O  OE2 . GLU A 1 43 ? 0.191   5.195   12.353  1.00 77.11 ? 42  GLU A OE2 1 
ATOM   324 N  N   . THR A 1 44 ? 2.272   -0.739  10.784  1.00 15.85 ? 43  THR A N   1 
ATOM   325 C  CA  . THR A 1 44 ? 2.655   -2.116  10.821  1.00 15.69 ? 43  THR A CA  1 
ATOM   326 C  C   . THR A 1 44 ? 3.974   -2.309  11.565  1.00 16.09 ? 43  THR A C   1 
ATOM   327 O  O   . THR A 1 44 ? 4.738   -1.354  11.649  1.00 18.11 ? 43  THR A O   1 
ATOM   328 C  CB  . THR A 1 44 ? 2.839   -2.701  9.335   1.00 17.26 ? 43  THR A CB  1 
ATOM   329 O  OG1 . THR A 1 44 ? 3.256   -4.036  9.356   1.00 16.31 ? 43  THR A OG1 1 
ATOM   330 C  CG2 . THR A 1 44 ? 3.868   -1.866  8.529   1.00 16.34 ? 43  THR A CG2 1 
ATOM   331 N  N   . SER A 1 45 ? 4.200   -3.457  12.058  1.00 18.47 ? 44  SER A N   1 
ATOM   332 C  CA  . SER A 1 45 ? 5.530   -3.782  12.636  1.00 18.86 ? 44  SER A CA  1 
ATOM   333 C  C   . SER A 1 45 ? 6.516   -4.250  11.610  1.00 17.95 ? 44  SER A C   1 
ATOM   334 O  O   . SER A 1 45 ? 7.744   -4.316  11.916  1.00 20.37 ? 44  SER A O   1 
ATOM   335 C  CB  . SER A 1 45 ? 5.345   -4.899  13.643  1.00 26.67 ? 44  SER A CB  1 
ATOM   336 O  OG  . SER A 1 45 ? 4.721   -4.376  14.790  1.00 36.39 ? 44  SER A OG  1 
ATOM   337 N  N   . LEU A 1 46 ? 6.076   -4.565  10.383  1.00 15.30 ? 45  LEU A N   1 
ATOM   338 C  CA  . LEU A 1 46 ? 6.997   -4.833  9.258   1.00 16.89 ? 45  LEU A CA  1 
ATOM   339 C  C   . LEU A 1 46 ? 7.691   -3.598  8.847   1.00 14.76 ? 45  LEU A C   1 
ATOM   340 O  O   . LEU A 1 46 ? 7.317   -2.469  9.132   1.00 15.77 ? 45  LEU A O   1 
ATOM   341 C  CB  . LEU A 1 46 ? 6.257   -5.530  8.160   1.00 15.42 ? 45  LEU A CB  1 
ATOM   342 C  CG  . LEU A 1 46 ? 5.519   -6.840  8.545   1.00 18.02 ? 45  LEU A CG  1 
ATOM   343 C  CD1 . LEU A 1 46 ? 4.914   -7.369  7.341   1.00 18.94 ? 45  LEU A CD1 1 
ATOM   344 C  CD2 . LEU A 1 46 ? 6.490   -7.810  9.299   1.00 19.66 ? 45  LEU A CD2 1 
ATOM   345 N  N   . SER A 1 47 ? 8.771   -3.785  8.046   1.00 13.14 ? 46  SER A N   1 
ATOM   346 C  CA  . SER A 1 47 ? 9.516   -2.641  7.587   1.00 12.28 ? 46  SER A CA  1 
ATOM   347 C  C   . SER A 1 47 ? 8.891   -1.999  6.374   1.00 11.65 ? 46  SER A C   1 
ATOM   348 O  O   . SER A 1 47 ? 8.099   -2.625  5.666   1.00 13.59 ? 46  SER A O   1 
ATOM   349 C  CB  . SER A 1 47 ? 10.927  -3.088  7.198   1.00 11.96 ? 46  SER A CB  1 
ATOM   350 O  OG  . SER A 1 47 ? 10.895  -3.816  5.959   1.00 13.09 ? 46  SER A OG  1 
ATOM   351 N  N   . ALA A 1 48 ? 9.275   -0.772  6.086   1.00 11.72 ? 47  ALA A N   1 
ATOM   352 C  CA  . ALA A 1 48 ? 8.854   -0.104  4.936   1.00 10.95 ? 47  ALA A CA  1 
ATOM   353 C  C   . ALA A 1 48 ? 9.271   -0.830  3.635   1.00 10.86 ? 47  ALA A C   1 
ATOM   354 O  O   . ALA A 1 48 ? 8.506   -0.852  2.662   1.00 11.91 ? 47  ALA A O   1 
ATOM   355 C  CB  . ALA A 1 48 ? 9.332   1.324   4.848   1.00 14.31 ? 47  ALA A CB  1 
ATOM   356 N  N   . GLU A 1 49 ? 10.449  -1.441  3.678   1.00 10.39 ? 48  GLU A N   1 
ATOM   357 C  CA  . GLU A 1 49 ? 10.920  -2.197  2.519   1.00 12.07 ? 48  GLU A CA  1 
ATOM   358 C  C   . GLU A 1 49 ? 10.132  -3.457  2.279   1.00 11.84 ? 48  GLU A C   1 
ATOM   359 O  O   . GLU A 1 49 ? 9.862   -3.818  1.150   1.00 11.79 ? 48  GLU A O   1 
ATOM   360 C  CB  . GLU A 1 49 ? 12.389  -2.536  2.661   1.00 12.05 ? 48  GLU A CB  1 
ATOM   361 C  CG  . GLU A 1 49 ? 13.293  -1.367  2.691   1.00 13.86 ? 48  GLU A CG  1 
ATOM   362 C  CD  . GLU A 1 49 ? 13.234  -0.532  4.000   1.00 18.07 ? 48  GLU A CD  1 
ATOM   363 O  OE1 . GLU A 1 49 ? 12.967  -1.066  5.108   1.00 14.60 ? 48  GLU A OE1 1 
ATOM   364 O  OE2 . GLU A 1 49 ? 13.463  0.745   3.855   1.00 22.72 ? 48  GLU A OE2 1 
ATOM   365 N  N   . GLN A 1 50 ? 9.681   -4.132  3.352   1.00 10.63 ? 49  GLN A N   1 
ATOM   366 C  CA  . GLN A 1 50 ? 8.800   -5.292  3.210   1.00 11.26 ? 49  GLN A CA  1 
ATOM   367 C  C   . GLN A 1 50 ? 7.443   -4.940  2.631   1.00 11.02 ? 49  GLN A C   1 
ATOM   368 O  O   . GLN A 1 50 ? 6.927   -5.624  1.747   1.00 12.06 ? 49  GLN A O   1 
ATOM   369 C  CB  . GLN A 1 50 ? 8.718   -6.016  4.530   1.00 12.60 ? 49  GLN A CB  1 
ATOM   370 C  CG  . GLN A 1 50 ? 10.020  -6.696  4.881   1.00 12.90 ? 49  GLN A CG  1 
ATOM   371 C  CD  . GLN A 1 50 ? 10.175  -7.134  6.319   1.00 13.27 ? 49  GLN A CD  1 
ATOM   372 O  OE1 . GLN A 1 50 ? 9.441   -6.631  7.228   1.00 15.69 ? 49  GLN A OE1 1 
ATOM   373 N  NE2 . GLN A 1 50 ? 11.140  -7.913  6.602   1.00 14.83 ? 49  GLN A NE2 1 
ATOM   374 N  N   . ILE A 1 51 ? 6.877   -3.796  3.104   1.00 11.45 ? 50  ILE A N   1 
ATOM   375 C  CA  . ILE A 1 51 ? 5.640   -3.368  2.543   1.00 12.60 ? 50  ILE A CA  1 
ATOM   376 C  C   . ILE A 1 51 ? 5.824   -3.011  1.090   1.00 11.85 ? 50  ILE A C   1 
ATOM   377 O  O   . ILE A 1 51 ? 5.028   -3.396  0.208   1.00 12.51 ? 50  ILE A O   1 
ATOM   378 C  CB  . ILE A 1 51 ? 5.027   -2.172  3.337   1.00 11.87 ? 50  ILE A CB  1 
ATOM   379 C  CG1 . ILE A 1 51 ? 4.748   -2.567  4.793   1.00 14.26 ? 50  ILE A CG1 1 
ATOM   380 C  CG2 . ILE A 1 51 ? 3.827   -1.643  2.653   1.00 13.35 ? 50  ILE A CG2 1 
ATOM   381 C  CD1 . ILE A 1 51 ? 3.701   -3.645  5.000   1.00 17.41 ? 50  ILE A CD1 1 
ATOM   382 N  N   . ALA A 1 52 ? 6.836   -2.180  0.755   1.00 12.53 ? 51  ALA A N   1 
ATOM   383 C  CA  . ALA A 1 52 ? 7.088   -1.786  -0.632  1.00 11.40 ? 51  ALA A CA  1 
ATOM   384 C  C   . ALA A 1 52 ? 7.340   -2.990  -1.529  1.00 11.89 ? 51  ALA A C   1 
ATOM   385 O  O   . ALA A 1 52 ? 6.854   -2.983  -2.674  1.00 12.24 ? 51  ALA A O   1 
ATOM   386 C  CB  . ALA A 1 52 ? 8.236   -0.873  -0.689  1.00 13.03 ? 51  ALA A CB  1 
ATOM   387 N  N   . ALA A 1 53 ? 8.094   -3.975  -1.060  1.00 12.08 ? 52  ALA A N   1 
ATOM   388 C  CA  . ALA A 1 53 ? 8.362   -5.179  -1.869  1.00 11.75 ? 52  ALA A CA  1 
ATOM   389 C  C   . ALA A 1 53 ? 7.110   -5.871  -2.224  1.00 13.09 ? 52  ALA A C   1 
ATOM   390 O  O   . ALA A 1 53 ? 6.940   -6.319  -3.348  1.00 14.09 ? 52  ALA A O   1 
ATOM   391 C  CB  . ALA A 1 53 ? 9.269   -6.100  -1.108  1.00 11.71 ? 52  ALA A CB  1 
ATOM   392 N  N   . ALA A 1 54 ? 6.172   -5.987  -1.281  1.00 12.24 ? 53  ALA A N   1 
ATOM   393 C  CA  . ALA A 1 54 ? 4.876   -6.623  -1.525  1.00 13.26 ? 53  ALA A CA  1 
ATOM   394 C  C   . ALA A 1 54 ? 4.039   -5.840  -2.533  1.00 12.25 ? 53  ALA A C   1 
ATOM   395 O  O   . ALA A 1 54 ? 3.390   -6.388  -3.417  1.00 14.71 ? 53  ALA A O   1 
ATOM   396 C  CB  . ALA A 1 54 ? 4.137   -6.854  -0.248  1.00 13.48 ? 53  ALA A CB  1 
ATOM   397 N  N   . LEU A 1 55 ? 4.026   -4.548  -2.402  1.00 11.28 ? 54  LEU A N   1 
ATOM   398 C  CA  . LEU A 1 55 ? 3.289   -3.685  -3.301  1.00 11.23 ? 54  LEU A CA  1 
ATOM   399 C  C   . LEU A 1 55 ? 3.846   -3.783  -4.699  1.00 11.57 ? 54  LEU A C   1 
ATOM   400 O  O   . LEU A 1 55 ? 3.105   -3.879  -5.666  1.00 12.71 ? 54  LEU A O   1 
ATOM   401 C  CB  . LEU A 1 55 ? 3.286   -2.255  -2.792  1.00 13.09 ? 54  LEU A CB  1 
ATOM   402 C  CG  . LEU A 1 55 ? 2.420   -1.985  -1.519  1.00 14.86 ? 54  LEU A CG  1 
ATOM   403 C  CD1 . LEU A 1 55 ? 2.710   -0.621  -1.069  1.00 17.07 ? 54  LEU A CD1 1 
ATOM   404 C  CD2 . LEU A 1 55 ? 0.951   -2.199  -1.852  1.00 17.31 ? 54  LEU A CD2 1 
ATOM   405 N  N   . GLN A 1 56 ? 5.180   -3.744  -4.808  1.00 11.94 ? 55  GLN A N   1 
ATOM   406 C  CA  . GLN A 1 56 ? 5.875   -3.910  -6.135  1.00 12.00 ? 55  GLN A CA  1 
ATOM   407 C  C   . GLN A 1 56 ? 5.461   -5.220  -6.764  1.00 14.09 ? 55  GLN A C   1 
ATOM   408 O  O   . GLN A 1 56 ? 5.040   -5.208  -7.952  1.00 13.44 ? 55  GLN A O   1 
ATOM   409 C  CB  . GLN A 1 56 ? 7.384   -3.818  -5.937  1.00 11.78 ? 55  GLN A CB  1 
ATOM   410 C  CG  . GLN A 1 56 ? 7.880   -2.476  -5.577  1.00 11.94 ? 55  GLN A CG  1 
ATOM   411 C  CD  . GLN A 1 56 ? 9.307   -2.469  -5.075  1.00 12.72 ? 55  GLN A CD  1 
ATOM   412 O  OE1 . GLN A 1 56 ? 9.834   -3.517  -4.673  1.00 13.03 ? 55  GLN A OE1 1 
ATOM   413 N  NE2 . GLN A 1 56 ? 9.919   -1.319  -5.036  1.00 14.03 ? 55  GLN A NE2 1 
ATOM   414 N  N   . LYS A 1 57 ? 5.544   -6.320  -6.062  1.00 12.86 ? 56  LYS A N   1 
ATOM   415 C  CA  . LYS A 1 57 ? 5.228   -7.671  -6.620  1.00 15.13 ? 56  LYS A CA  1 
ATOM   416 C  C   . LYS A 1 57 ? 3.810   -7.697  -7.100  1.00 15.83 ? 56  LYS A C   1 
ATOM   417 O  O   . LYS A 1 57 ? 3.497   -8.483  -8.026  1.00 18.24 ? 56  LYS A O   1 
ATOM   418 C  CB  . LYS A 1 57 ? 5.521   -8.732  -5.510  1.00 20.17 ? 56  LYS A CB  1 
ATOM   419 C  CG  . LYS A 1 57 ? 5.274   -10.156 -5.897  1.00 31.69 ? 56  LYS A CG  1 
ATOM   420 C  CD  . LYS A 1 57 ? 5.840   -11.186 -4.788  1.00 40.85 ? 56  LYS A CD  1 
ATOM   421 C  CE  . LYS A 1 57 ? 6.006   -10.566 -3.312  1.00 52.19 ? 56  LYS A CE  1 
ATOM   422 N  NZ  . LYS A 1 57 ? 7.410   -10.109 -3.023  1.00 56.39 ? 56  LYS A NZ  1 
ATOM   423 N  N   . ALA A 1 58 ? 2.888   -6.991  -6.451  1.00 14.01 ? 57  ALA A N   1 
ATOM   424 C  CA  . ALA A 1 58 ? 1.504   -6.876  -6.835  1.00 14.47 ? 57  ALA A CA  1 
ATOM   425 C  C   . ALA A 1 58 ? 1.234   -5.984  -8.013  1.00 15.63 ? 57  ALA A C   1 
ATOM   426 O  O   . ALA A 1 58 ? 0.096   -5.773  -8.376  1.00 17.30 ? 57  ALA A O   1 
ATOM   427 C  CB  . ALA A 1 58 ? 0.622   -6.504  -5.658  1.00 14.82 ? 57  ALA A CB  1 
ATOM   428 N  N   . GLY A 1 59 ? 2.260   -5.364  -8.575  1.00 13.64 ? 58  GLY A N   1 
ATOM   429 C  CA  . GLY A 1 59 ? 2.064   -4.368  -9.637  1.00 14.55 ? 58  GLY A CA  1 
ATOM   430 C  C   . GLY A 1 59 ? 1.791   -2.954  -9.279  1.00 14.76 ? 58  GLY A C   1 
ATOM   431 O  O   . GLY A 1 59 ? 1.245   -2.126  -10.065 1.00 16.73 ? 58  GLY A O   1 
ATOM   432 N  N   . PHE A 1 60 ? 2.095   -2.560  -8.016  1.00 13.98 ? 59  PHE A N   1 
ATOM   433 C  CA  . PHE A 1 60 ? 1.829   -1.209  -7.526  1.00 13.97 ? 59  PHE A CA  1 
ATOM   434 C  C   . PHE A 1 60 ? 3.071   -0.631  -6.889  1.00 14.41 ? 59  PHE A C   1 
ATOM   435 O  O   . PHE A 1 60 ? 3.159   -0.344  -5.702  1.00 14.74 ? 59  PHE A O   1 
ATOM   436 C  CB  . PHE A 1 60 ? 0.707   -1.276  -6.441  1.00 14.03 ? 59  PHE A CB  1 
ATOM   437 C  CG  . PHE A 1 60 ? -0.639  -1.651  -7.009  1.00 15.96 ? 59  PHE A CG  1 
ATOM   438 C  CD1 . PHE A 1 60 ? -1.274  -0.757  -7.835  1.00 18.82 ? 59  PHE A CD1 1 
ATOM   439 C  CD2 . PHE A 1 60 ? -1.114  -2.909  -6.911  1.00 16.98 ? 59  PHE A CD2 1 
ATOM   440 C  CE1 . PHE A 1 60 ? -2.576  -1.127  -8.451  1.00 21.84 ? 59  PHE A CE1 1 
ATOM   441 C  CE2 . PHE A 1 60 ? -2.311  -3.283  -7.515  1.00 19.60 ? 59  PHE A CE2 1 
ATOM   442 C  CZ  . PHE A 1 60 ? -2.974  -2.438  -8.261  1.00 19.59 ? 59  PHE A CZ  1 
ATOM   443 N  N   . PRO A 1 61 ? 4.153   -0.432  -7.702  1.00 14.80 ? 60  PRO A N   1 
ATOM   444 C  CA  . PRO A 1 61 ? 5.369   0.108   -7.134  1.00 14.14 ? 60  PRO A CA  1 
ATOM   445 C  C   . PRO A 1 61 ? 5.183   1.480   -6.466  1.00 13.90 ? 60  PRO A C   1 
ATOM   446 O  O   . PRO A 1 61 ? 4.632   2.366   -7.134  1.00 15.84 ? 60  PRO A O   1 
ATOM   447 C  CB  . PRO A 1 61 ? 6.303   0.152   -8.367  1.00 15.84 ? 60  PRO A CB  1 
ATOM   448 C  CG  . PRO A 1 61 ? 5.404   0.253   -9.478  1.00 14.83 ? 60  PRO A CG  1 
ATOM   449 C  CD  . PRO A 1 61 ? 4.241   -0.625  -9.112  1.00 16.20 ? 60  PRO A CD  1 
ATOM   450 N  N   . PRO A 1 62 ? 5.616   1.620   -5.243  1.00 15.17 ? 61  PRO A N   1 
ATOM   451 C  CA  . PRO A 1 62 ? 5.457   2.887   -4.517  1.00 15.97 ? 61  PRO A CA  1 
ATOM   452 C  C   . PRO A 1 62 ? 6.631   3.670   -4.506  1.00 22.94 ? 61  PRO A C   1 
ATOM   453 O  O   . PRO A 1 62 ? 7.791   3.134   -4.686  1.00 22.32 ? 61  PRO A O   1 
ATOM   454 C  CB  . PRO A 1 62 ? 5.129   2.379   -3.081  1.00 18.93 ? 61  PRO A CB  1 
ATOM   455 C  CG  . PRO A 1 62 ? 5.944   1.240   -2.934  1.00 19.56 ? 61  PRO A CG  1 
ATOM   456 C  CD  . PRO A 1 62 ? 5.912   0.550   -4.280  1.00 15.27 ? 61  PRO A CD  1 
ATOM   457 N  N   . ARG A 1 63 ? 6.506   4.948   -4.058  1.00 21.40 ? 62  ARG A N   1 
ATOM   458 C  CA  . ARG A 1 63 ? 7.665   5.770   -3.628  1.00 24.19 ? 62  ARG A CA  1 
ATOM   459 C  C   . ARG A 1 63 ? 7.392   6.117   -2.169  1.00 24.78 ? 62  ARG A C   1 
ATOM   460 O  O   . ARG A 1 63 ? 6.280   6.523   -1.852  1.00 20.67 ? 62  ARG A O   1 
ATOM   461 C  CB  . ARG A 1 63 ? 7.698   7.024   -4.523  1.00 26.05 ? 62  ARG A CB  1 
ATOM   462 C  CG  . ARG A 1 63 ? 7.985   6.695   -5.886  1.00 32.05 ? 62  ARG A CG  1 
ATOM   463 C  CD  . ARG A 1 63 ? 9.510   6.068   -6.037  1.00 45.76 ? 62  ARG A CD  1 
ATOM   464 N  NE  . ARG A 1 63 ? 10.004  6.139   -7.502  1.00 60.43 ? 62  ARG A NE  1 
ATOM   465 C  CZ  . ARG A 1 63 ? 9.529   5.352   -8.554  1.00 68.14 ? 62  ARG A CZ  1 
ATOM   466 N  NH1 . ARG A 1 63 ? 8.566   4.386   -8.362  1.00 71.02 ? 62  ARG A NH1 1 
ATOM   467 N  NH2 . ARG A 1 63 ? 10.022  5.524   -9.767  1.00 73.85 ? 62  ARG A NH2 1 
ATOM   468 N  N   . GLU A 1 64 ? 8.347   5.840   -1.225  1.00 27.78 ? 63  GLU A N   1 
ATOM   469 C  CA  . GLU A 1 64 ? 8.160   6.157   0.153   1.00 30.41 ? 63  GLU A CA  1 
ATOM   470 C  C   . GLU A 1 64 ? 8.188   7.658   0.355   1.00 33.15 ? 63  GLU A C   1 
ATOM   471 O  O   . GLU A 1 64 ? 9.049   8.365   -0.227  1.00 33.36 ? 63  GLU A O   1 
ATOM   472 C  CB  . GLU A 1 64 ? 9.246   5.472   1.153   1.00 33.36 ? 63  GLU A CB  1 
ATOM   473 C  CG  . GLU A 1 64 ? 8.860   5.766   2.645   1.00 40.66 ? 63  GLU A CG  1 
ATOM   474 C  CD  . GLU A 1 64 ? 9.655   4.941   3.696   1.00 41.89 ? 63  GLU A CD  1 
ATOM   475 O  OE1 . GLU A 1 64 ? 10.726  4.256   3.306   1.00 43.66 ? 63  GLU A OE1 1 
ATOM   476 O  OE2 . GLU A 1 64 ? 9.188   4.916   4.900   1.00 40.31 ? 63  GLU A OE2 1 
ATOM   477 N  N   . ARG A 1 65 ? 7.271   8.140   1.193   1.00 31.30 ? 64  ARG A N   1 
ATOM   478 C  CA  . ARG A 1 65 ? 7.077   9.583   1.392   1.00 36.42 ? 64  ARG A CA  1 
ATOM   479 C  C   . ARG A 1 65 ? 7.142   9.869   2.858   1.00 38.82 ? 64  ARG A C   1 
ATOM   480 O  O   . ARG A 1 65 ? 7.754   9.066   3.626   1.00 48.14 ? 64  ARG A O   1 
ATOM   481 C  CB  . ARG A 1 65 ? 5.712   10.034  0.813   1.00 29.22 ? 64  ARG A CB  1 
ATOM   482 C  CG  . ARG A 1 65 ? 5.626   10.052  -0.637  1.00 30.31 ? 64  ARG A CG  1 
ATOM   483 C  CD  . ARG A 1 65 ? 6.493   11.233  -1.246  1.00 29.61 ? 64  ARG A CD  1 
ATOM   484 N  NE  . ARG A 1 65 ? 6.444   11.200  -2.718  1.00 30.76 ? 64  ARG A NE  1 
ATOM   485 C  CZ  . ARG A 1 65 ? 5.381   11.711  -3.439  1.00 25.87 ? 64  ARG A CZ  1 
ATOM   486 N  NH1 . ARG A 1 65 ? 4.351   12.206  -2.746  1.00 27.23 ? 64  ARG A NH1 1 
ATOM   487 N  NH2 . ARG A 1 65 ? 5.348   11.621  -4.783  1.00 26.01 ? 64  ARG A NH2 1 
HETATM 488 AU AU  . AU  B 2 .  ? -6.956  -1.107  7.505   0.26 32.58 ? 101 AU  A AU  1 
HETATM 489 O  O   . HOH C 3 .  ? -8.155  0.926   9.457   1.00 19.04 ? 201 HOH A O   1 
HETATM 490 O  O   . HOH C 3 .  ? 0.903   11.381  -9.871  1.00 41.34 ? 202 HOH A O   1 
HETATM 491 O  O   . HOH C 3 .  ? -5.972  -4.925  10.481  0.93 18.65 ? 203 HOH A O   1 
HETATM 492 O  O   . HOH C 3 .  ? -6.826  -8.876  11.427  1.00 26.92 ? 204 HOH A O   1 
HETATM 493 O  O   . HOH C 3 .  ? -12.381 -5.821  -3.797  1.00 29.50 ? 205 HOH A O   1 
HETATM 494 O  O   . HOH C 3 .  ? 0.888   -8.832  12.821  0.92 37.71 ? 206 HOH A O   1 
HETATM 495 O  O   . HOH C 3 .  ? 13.191  0.454   7.304   1.00 32.83 ? 207 HOH A O   1 
HETATM 496 O  O   . HOH C 3 .  ? -0.701  -1.839  -11.886 1.00 32.27 ? 208 HOH A O   1 
HETATM 497 O  O   . HOH C 3 .  ? 10.077  -9.878  -2.803  1.00 38.60 ? 209 HOH A O   1 
HETATM 498 O  O   . HOH C 3 .  ? -7.932  2.766   12.853  1.00 46.13 ? 210 HOH A O   1 
HETATM 499 O  O   . HOH C 3 .  ? -2.286  -1.512  13.278  1.00 41.07 ? 211 HOH A O   1 
HETATM 500 O  O   . HOH C 3 .  ? 7.498   -8.319  1.487   0.97 20.86 ? 212 HOH A O   1 
HETATM 501 O  O   . HOH C 3 .  ? 3.134   -10.418 9.069   1.00 48.24 ? 213 HOH A O   1 
HETATM 502 O  O   . HOH C 3 .  ? -8.915  1.870   -7.097  1.00 41.04 ? 214 HOH A O   1 
HETATM 503 O  O   . HOH C 3 .  ? 8.802   1.035   -6.234  1.00 20.39 ? 215 HOH A O   1 
HETATM 504 O  O   . HOH C 3 .  ? -6.368  -7.214  14.169  1.00 44.65 ? 216 HOH A O   1 
HETATM 505 O  O   . HOH C 3 .  ? -6.395  -4.535  -9.220  1.00 43.51 ? 217 HOH A O   1 
HETATM 506 O  O   . HOH C 3 .  ? -4.034  -3.509  14.621  1.00 33.85 ? 218 HOH A O   1 
HETATM 507 O  O   . HOH C 3 .  ? -7.908  14.125  0.135   1.00 42.69 ? 219 HOH A O   1 
HETATM 508 O  O   . HOH C 3 .  ? -6.651  10.816  -10.580 1.00 41.28 ? 220 HOH A O   1 
HETATM 509 O  O   . HOH C 3 .  ? -5.681  10.856  -8.259  1.00 30.58 ? 221 HOH A O   1 
HETATM 510 O  O   . HOH C 3 .  ? 10.834  5.000   -2.550  1.00 40.76 ? 222 HOH A O   1 
HETATM 511 O  O   . HOH C 3 .  ? 10.674  2.787   -3.986  1.00 51.81 ? 223 HOH A O   1 
HETATM 512 O  O   . HOH C 3 .  ? -10.197 4.177   0.459   1.00 32.65 ? 224 HOH A O   1 
HETATM 513 O  O   . HOH C 3 .  ? -4.093  -10.466 -1.413  1.00 45.10 ? 225 HOH A O   1 
HETATM 514 O  O   . HOH C 3 .  ? 9.309   2.703   -1.665  1.00 36.28 ? 226 HOH A O   1 
HETATM 515 O  O   . HOH C 3 .  ? 10.257  1.615   1.257   1.00 35.60 ? 227 HOH A O   1 
HETATM 516 O  O   . HOH C 3 .  ? 10.356  -1.348  -8.765  1.00 49.50 ? 228 HOH A O   1 
HETATM 517 O  O   . HOH C 3 .  ? -6.225  -4.298  13.227  0.93 26.48 ? 229 HOH A O   1 
HETATM 518 O  O   . HOH C 3 .  ? 10.956  -2.282  10.965  1.00 42.45 ? 230 HOH A O   1 
HETATM 519 O  O   . HOH C 3 .  ? -6.172  8.649   3.924   1.00 47.96 ? 231 HOH A O   1 
HETATM 520 O  O   . HOH C 3 .  ? 0.898   -10.099 -4.875  0.89 39.89 ? 232 HOH A O   1 
HETATM 521 O  O   . HOH C 3 .  ? 1.171   -6.723  14.923  1.00 58.35 ? 233 HOH A O   1 
HETATM 522 O  O   . HOH C 3 .  ? 7.611   -10.342 6.113   1.00 37.31 ? 234 HOH A O   1 
HETATM 523 O  O   . HOH C 3 .  ? 3.793   12.170  -9.391  1.00 61.58 ? 235 HOH A O   1 
HETATM 524 O  O   . HOH C 3 .  ? 10.755  0.647   8.124   1.00 22.99 ? 236 HOH A O   1 
HETATM 525 O  O   . HOH C 3 .  ? 2.446   2.483   -8.757  1.00 26.10 ? 237 HOH A O   1 
HETATM 526 O  O   . HOH C 3 .  ? 2.512   -9.039  -3.099  1.00 23.98 ? 238 HOH A O   1 
HETATM 527 O  O   . HOH C 3 .  ? -4.225  11.894  1.371   1.00 27.77 ? 239 HOH A O   1 
HETATM 528 O  O   . HOH C 3 .  ? 1.816   -5.101  12.710  0.94 27.23 ? 240 HOH A O   1 
HETATM 529 O  O   . HOH C 3 .  ? 0.515   -9.965  0.179   0.95 28.66 ? 241 HOH A O   1 
HETATM 530 O  O   . HOH C 3 .  ? -3.916  7.779   2.681   1.00 33.34 ? 242 HOH A O   1 
HETATM 531 O  O   . HOH C 3 .  ? 5.963   -9.943  -0.292  0.96 35.03 ? 243 HOH A O   1 
HETATM 532 O  O   . HOH C 3 .  ? 4.369   5.140   -7.651  0.95 30.24 ? 244 HOH A O   1 
HETATM 533 O  O   . HOH C 3 .  ? 7.225   6.769   5.155   1.00 31.83 ? 245 HOH A O   1 
HETATM 534 O  O   . HOH C 3 .  ? 7.343   -0.535  10.880  1.00 33.92 ? 246 HOH A O   1 
HETATM 535 O  O   . HOH C 3 .  ? 12.639  3.019   5.110   0.83 36.25 ? 247 HOH A O   1 
HETATM 536 O  O   . HOH C 3 .  ? -0.481  -11.694 9.244   1.00 31.25 ? 248 HOH A O   1 
HETATM 537 O  O   . HOH C 3 .  ? 3.198   -10.233 -0.973  1.00 38.62 ? 249 HOH A O   1 
HETATM 538 O  O   . HOH C 3 .  ? -1.409  -10.951 -1.619  1.00 38.74 ? 250 HOH A O   1 
HETATM 539 O  O   . HOH C 3 .  ? 1.273   6.923   7.767   1.00 44.26 ? 251 HOH A O   1 
HETATM 540 O  O   . HOH C 3 .  ? 4.979   7.866   -7.236  1.00 37.19 ? 252 HOH A O   1 
HETATM 541 O  O   . HOH C 3 .  ? -8.413  4.698   -2.650  0.59 22.19 ? 253 HOH A O   1 
HETATM 542 O  O   . HOH C 3 .  ? 1.768   -12.171 1.537   0.97 46.47 ? 254 HOH A O   1 
HETATM 543 O  O   . HOH C 3 .  ? 6.931   3.846   12.112  1.00 56.29 ? 255 HOH A O   1 
HETATM 544 O  O   . HOH C 3 .  ? 4.234   1.642   10.510  0.87 30.16 ? 256 HOH A O   1 
HETATM 545 O  O   . HOH C 3 .  ? -1.882  -9.038  -4.297  0.91 36.20 ? 257 HOH A O   1 
HETATM 546 O  O   . HOH C 3 .  ? 10.199  -0.179  10.666  0.78 39.67 ? 258 HOH A O   1 
HETATM 547 O  O   . HOH C 3 .  ? 4.702   4.326   -11.005 1.00 51.95 ? 259 HOH A O   1 
HETATM 548 O  O   . HOH C 3 .  ? 7.480   -0.910  13.927  1.00 56.78 ? 260 HOH A O   1 
HETATM 549 O  O   . HOH C 3 .  ? -10.232 -5.321  -6.608  1.00 50.97 ? 261 HOH A O   1 
HETATM 550 O  O   . HOH C 3 .  ? -9.030  -6.782  -5.053  1.00 54.80 ? 262 HOH A O   1 
HETATM 551 O  O   . HOH C 3 .  ? -2.824  3.984   8.708   1.00 38.07 ? 263 HOH A O   1 
# 
